data_180D
# 
_entry.id   180D 
# 
_audit_conform.dict_name       mmcif_pdbx.dic 
_audit_conform.dict_version    5.385 
_audit_conform.dict_location   http://mmcif.pdb.org/dictionaries/ascii/mmcif_pdbx.dic 
# 
loop_
_database_2.database_id 
_database_2.database_code 
_database_2.pdbx_database_accession 
_database_2.pdbx_DOI 
PDB   180D         pdb_0000180d 10.2210/pdb180d/pdb 
RCSB  ZDF038       ?            ?                   
WWPDB D_1000170179 ?            ?                   
# 
loop_
_pdbx_audit_revision_history.ordinal 
_pdbx_audit_revision_history.data_content_type 
_pdbx_audit_revision_history.major_revision 
_pdbx_audit_revision_history.minor_revision 
_pdbx_audit_revision_history.revision_date 
1 'Structure model' 1 0 1995-07-19 
2 'Structure model' 1 1 2008-05-22 
3 'Structure model' 1 2 2011-07-13 
4 'Structure model' 1 3 2018-04-18 
5 'Structure model' 1 4 2024-02-07 
# 
_pdbx_audit_revision_details.ordinal             1 
_pdbx_audit_revision_details.revision_ordinal    1 
_pdbx_audit_revision_details.data_content_type   'Structure model' 
_pdbx_audit_revision_details.provider            repository 
_pdbx_audit_revision_details.type                'Initial release' 
_pdbx_audit_revision_details.description         ? 
_pdbx_audit_revision_details.details             ? 
# 
loop_
_pdbx_audit_revision_group.ordinal 
_pdbx_audit_revision_group.revision_ordinal 
_pdbx_audit_revision_group.data_content_type 
_pdbx_audit_revision_group.group 
1 2 'Structure model' 'Version format compliance' 
2 3 'Structure model' 'Version format compliance' 
3 4 'Structure model' 'Data collection'           
4 5 'Structure model' 'Data collection'           
5 5 'Structure model' 'Database references'       
# 
loop_
_pdbx_audit_revision_category.ordinal 
_pdbx_audit_revision_category.revision_ordinal 
_pdbx_audit_revision_category.data_content_type 
_pdbx_audit_revision_category.category 
1 4 'Structure model' diffrn_detector 
2 5 'Structure model' chem_comp_atom  
3 5 'Structure model' chem_comp_bond  
4 5 'Structure model' database_2      
# 
loop_
_pdbx_audit_revision_item.ordinal 
_pdbx_audit_revision_item.revision_ordinal 
_pdbx_audit_revision_item.data_content_type 
_pdbx_audit_revision_item.item 
1 4 'Structure model' '_diffrn_detector.detector'           
2 5 'Structure model' '_database_2.pdbx_DOI'                
3 5 'Structure model' '_database_2.pdbx_database_accession' 
# 
_pdbx_database_status.status_code                     REL 
_pdbx_database_status.entry_id                        180D 
_pdbx_database_status.recvd_initial_deposition_date   1994-07-19 
_pdbx_database_status.deposit_site                    BNL 
_pdbx_database_status.process_site                    NDB 
_pdbx_database_status.SG_entry                        . 
_pdbx_database_status.pdb_format_compatible           Y 
_pdbx_database_status.status_code_mr                  ? 
_pdbx_database_status.status_code_sf                  ? 
_pdbx_database_status.status_code_cs                  ? 
_pdbx_database_status.methods_development_category    ? 
_pdbx_database_status.status_code_nmr_data            ? 
# 
loop_
_audit_author.name 
_audit_author.pdbx_ordinal 
'Sadasivan, C.' 1 
'Gautham, N.'   2 
# 
loop_
_citation.id 
_citation.title 
_citation.journal_abbrev 
_citation.journal_volume 
_citation.page_first 
_citation.page_last 
_citation.year 
_citation.journal_id_ASTM 
_citation.country 
_citation.journal_id_ISSN 
_citation.journal_id_CSD 
_citation.book_publisher 
_citation.pdbx_database_id_PubMed 
_citation.pdbx_database_id_DOI 
primary 
;Sequence-dependent microheterogeneity of Z-DNA: the crystal and molecular structures of d(CACGCG).d(CGCGTG) and d(CGCACG).d(CGTGCG).
;
J.Mol.Biol.                248 918 930 1995 JMOBAK UK 0022-2836 0070 ? 7760333 10.1006/jmbi.1995.9894 
1       'Plasticity of Z-DNA as Observed in the Crystal Structures of Non- Selfcomplementary Hexanucleotides' 'To be Published' ? 
?   ?   ?    ?      ?  ?         0353 ? ?       ?                      
2       'Space Group Degeneracy in the Packing of a Non-Selfcomplementary Z-DNA Hexamer' 'Acta Crystallogr.,Sect.D' 50  192 196 
1994 ABCRE6 DK 0907-4449 0766 ? ?       ?                      
# 
loop_
_citation_author.citation_id 
_citation_author.name 
_citation_author.ordinal 
_citation_author.identifier_ORCID 
primary 'Sadasivan, C.' 1 ? 
primary 'Gautham, N.'   2 ? 
1       'Sadasivan, C.' 3 ? 
1       'Gautham, N.'   4 ? 
2       'Sadasivan, C.' 5 ? 
2       'Karthe, P.'    6 ? 
2       'Gautham, N.'   7 ? 
# 
loop_
_entity.id 
_entity.type 
_entity.src_method 
_entity.pdbx_description 
_entity.formula_weight 
_entity.pdbx_number_of_molecules 
_entity.pdbx_ec 
_entity.pdbx_mutation 
_entity.pdbx_fragment 
_entity.details 
1 polymer syn 
;DNA (5'-D(*CP*GP*CP*AP*CP*G)-3')
;
1794.206 1  ? ? ? ? 
2 polymer syn 
;DNA (5'-D(*CP*GP*TP*GP*CP*G)-3')
;
1825.216 1  ? ? ? ? 
3 water   nat water                              18.015   21 ? ? ? ? 
# 
loop_
_entity_poly.entity_id 
_entity_poly.type 
_entity_poly.nstd_linkage 
_entity_poly.nstd_monomer 
_entity_poly.pdbx_seq_one_letter_code 
_entity_poly.pdbx_seq_one_letter_code_can 
_entity_poly.pdbx_strand_id 
_entity_poly.pdbx_target_identifier 
1 polydeoxyribonucleotide no no '(DC)(DG)(DC)(DA)(DC)(DG)' CGCACG A ? 
2 polydeoxyribonucleotide no no '(DC)(DG)(DT)(DG)(DC)(DG)' CGTGCG B ? 
# 
_pdbx_entity_nonpoly.entity_id   3 
_pdbx_entity_nonpoly.name        water 
_pdbx_entity_nonpoly.comp_id     HOH 
# 
loop_
_entity_poly_seq.entity_id 
_entity_poly_seq.num 
_entity_poly_seq.mon_id 
_entity_poly_seq.hetero 
1 1 DC n 
1 2 DG n 
1 3 DC n 
1 4 DA n 
1 5 DC n 
1 6 DG n 
2 1 DC n 
2 2 DG n 
2 3 DT n 
2 4 DG n 
2 5 DC n 
2 6 DG n 
# 
loop_
_chem_comp.id 
_chem_comp.type 
_chem_comp.mon_nstd_flag 
_chem_comp.name 
_chem_comp.pdbx_synonyms 
_chem_comp.formula 
_chem_comp.formula_weight 
DA  'DNA linking' y "2'-DEOXYADENOSINE-5'-MONOPHOSPHATE" ? 'C10 H14 N5 O6 P' 331.222 
DC  'DNA linking' y "2'-DEOXYCYTIDINE-5'-MONOPHOSPHATE"  ? 'C9 H14 N3 O7 P'  307.197 
DG  'DNA linking' y "2'-DEOXYGUANOSINE-5'-MONOPHOSPHATE" ? 'C10 H14 N5 O7 P' 347.221 
DT  'DNA linking' y "THYMIDINE-5'-MONOPHOSPHATE"         ? 'C10 H15 N2 O8 P' 322.208 
HOH non-polymer   . WATER                                ? 'H2 O'            18.015  
# 
loop_
_pdbx_poly_seq_scheme.asym_id 
_pdbx_poly_seq_scheme.entity_id 
_pdbx_poly_seq_scheme.seq_id 
_pdbx_poly_seq_scheme.mon_id 
_pdbx_poly_seq_scheme.ndb_seq_num 
_pdbx_poly_seq_scheme.pdb_seq_num 
_pdbx_poly_seq_scheme.auth_seq_num 
_pdbx_poly_seq_scheme.pdb_mon_id 
_pdbx_poly_seq_scheme.auth_mon_id 
_pdbx_poly_seq_scheme.pdb_strand_id 
_pdbx_poly_seq_scheme.pdb_ins_code 
_pdbx_poly_seq_scheme.hetero 
A 1 1 DC 1 1  1  DC C A . n 
A 1 2 DG 2 2  2  DG G A . n 
A 1 3 DC 3 3  3  DC C A . n 
A 1 4 DA 4 4  4  DA A A . n 
A 1 5 DC 5 5  5  DC C A . n 
A 1 6 DG 6 6  6  DG G A . n 
B 2 1 DC 1 7  7  DC C B . n 
B 2 2 DG 2 8  8  DG G B . n 
B 2 3 DT 3 9  9  DT T B . n 
B 2 4 DG 4 10 10 DG G B . n 
B 2 5 DC 5 11 11 DC C B . n 
B 2 6 DG 6 12 12 DG G B . n 
# 
loop_
_pdbx_nonpoly_scheme.asym_id 
_pdbx_nonpoly_scheme.entity_id 
_pdbx_nonpoly_scheme.mon_id 
_pdbx_nonpoly_scheme.ndb_seq_num 
_pdbx_nonpoly_scheme.pdb_seq_num 
_pdbx_nonpoly_scheme.auth_seq_num 
_pdbx_nonpoly_scheme.pdb_mon_id 
_pdbx_nonpoly_scheme.auth_mon_id 
_pdbx_nonpoly_scheme.pdb_strand_id 
_pdbx_nonpoly_scheme.pdb_ins_code 
C 3 HOH 1  13 13 HOH HOH A . 
C 3 HOH 2  16 16 HOH HOH A . 
C 3 HOH 3  18 18 HOH HOH A . 
C 3 HOH 4  19 19 HOH HOH A . 
C 3 HOH 5  20 20 HOH HOH A . 
C 3 HOH 6  21 21 HOH HOH A . 
C 3 HOH 7  23 23 HOH HOH A . 
C 3 HOH 8  25 25 HOH HOH A . 
C 3 HOH 9  26 26 HOH HOH A . 
C 3 HOH 10 27 27 HOH HOH A . 
C 3 HOH 11 29 29 HOH HOH A . 
C 3 HOH 12 30 30 HOH HOH A . 
C 3 HOH 13 32 32 HOH HOH A . 
C 3 HOH 14 33 33 HOH HOH A . 
D 3 HOH 1  14 14 HOH HOH B . 
D 3 HOH 2  15 15 HOH HOH B . 
D 3 HOH 3  17 17 HOH HOH B . 
D 3 HOH 4  22 22 HOH HOH B . 
D 3 HOH 5  24 24 HOH HOH B . 
D 3 HOH 6  28 28 HOH HOH B . 
D 3 HOH 7  31 31 HOH HOH B . 
# 
_software.name             NUCLSQ 
_software.classification   refinement 
_software.version          . 
_software.citation_id      ? 
_software.pdbx_ordinal     1 
# 
_cell.entry_id           180D 
_cell.length_a           17.750 
_cell.length_b           17.760 
_cell.length_c           42.770 
_cell.angle_alpha        90.00 
_cell.angle_beta         90.00 
_cell.angle_gamma        120.05 
_cell.Z_PDB              2 
_cell.pdbx_unique_axis   ? 
# 
_symmetry.entry_id                         180D 
_symmetry.space_group_name_H-M             'P 1 1 21' 
_symmetry.pdbx_full_space_group_name_H-M   ? 
_symmetry.cell_setting                     ? 
_symmetry.Int_Tables_number                4 
# 
_exptl.entry_id          180D 
_exptl.method            'X-RAY DIFFRACTION' 
_exptl.crystals_number   ? 
# 
_exptl_crystal.id                    1 
_exptl_crystal.density_meas          ? 
_exptl_crystal.density_Matthews      1.61 
_exptl_crystal.density_percent_sol   23.71 
_exptl_crystal.description           ? 
# 
_exptl_crystal_grow.crystal_id      1 
_exptl_crystal_grow.method          'VAPOR DIFFUSION, HANGING DROP' 
_exptl_crystal_grow.temp            ? 
_exptl_crystal_grow.temp_details    'ROOM TEMPERATURE' 
_exptl_crystal_grow.pH              6.80 
_exptl_crystal_grow.pdbx_details    'pH 6.80, VAPOR DIFFUSION, HANGING DROP' 
_exptl_crystal_grow.pdbx_pH_range   ? 
# 
loop_
_exptl_crystal_grow_comp.crystal_id 
_exptl_crystal_grow_comp.id 
_exptl_crystal_grow_comp.sol_id 
_exptl_crystal_grow_comp.name 
_exptl_crystal_grow_comp.volume 
_exptl_crystal_grow_comp.conc 
_exptl_crystal_grow_comp.details 
1 1 1 WATER           ? ? ? 
1 2 1 'NA CACODYLATE' ? ? ? 
1 3 1 BACL2           ? ? ? 
1 4 2 WATER           ? ? ? 
1 5 2 MPD             ? ? ? 
# 
_diffrn.id                     1 
_diffrn.ambient_temp           296.00 
_diffrn.ambient_temp_details   ? 
_diffrn.crystal_id             1 
# 
_diffrn_detector.diffrn_id              1 
_diffrn_detector.detector               DIFFRACTOMETER 
_diffrn_detector.type                   'ENRAF-NONIUS CAD4' 
_diffrn_detector.pdbx_collection_date   ? 
_diffrn_detector.details                ? 
# 
_diffrn_radiation.diffrn_id                        1 
_diffrn_radiation.wavelength_id                    1 
_diffrn_radiation.pdbx_monochromatic_or_laue_m_l   ? 
_diffrn_radiation.monochromator                    ? 
_diffrn_radiation.pdbx_diffrn_protocol             ? 
_diffrn_radiation.pdbx_scattering_type             x-ray 
# 
_diffrn_radiation_wavelength.id           1 
_diffrn_radiation_wavelength.wavelength   . 
_diffrn_radiation_wavelength.wt           1.0 
# 
_refine.entry_id                                 180D 
_refine.ls_number_reflns_obs                     530 
_refine.ls_number_reflns_all                     ? 
_refine.pdbx_ls_sigma_I                          ? 
_refine.pdbx_ls_sigma_F                          2.000 
_refine.pdbx_data_cutoff_high_absF               ? 
_refine.pdbx_data_cutoff_low_absF                ? 
_refine.pdbx_data_cutoff_high_rms_absF           ? 
_refine.ls_d_res_low                             10.000 
_refine.ls_d_res_high                            2.500 
_refine.ls_percent_reflns_obs                    ? 
_refine.ls_R_factor_obs                          0.1610000 
_refine.ls_R_factor_all                          ? 
_refine.ls_R_factor_R_work                       ? 
_refine.ls_R_factor_R_free                       ? 
_refine.ls_R_factor_R_free_error                 ? 
_refine.ls_R_factor_R_free_error_details         ? 
_refine.ls_percent_reflns_R_free                 ? 
_refine.ls_number_reflns_R_free                  ? 
_refine.ls_number_parameters                     ? 
_refine.ls_number_restraints                     ? 
_refine.occupancy_min                            ? 
_refine.occupancy_max                            ? 
_refine.B_iso_mean                               ? 
_refine.aniso_B[1][1]                            ? 
_refine.aniso_B[2][2]                            ? 
_refine.aniso_B[3][3]                            ? 
_refine.aniso_B[1][2]                            ? 
_refine.aniso_B[1][3]                            ? 
_refine.aniso_B[2][3]                            ? 
_refine.solvent_model_details                    ? 
_refine.solvent_model_param_ksol                 ? 
_refine.solvent_model_param_bsol                 ? 
_refine.pdbx_ls_cross_valid_method               ? 
_refine.details                                  ? 
_refine.pdbx_starting_model                      ? 
_refine.pdbx_method_to_determine_struct          ? 
_refine.pdbx_isotropic_thermal_model             ? 
_refine.pdbx_stereochemistry_target_values       ? 
_refine.pdbx_stereochem_target_val_spec_case     ? 
_refine.pdbx_R_Free_selection_details            ? 
_refine.pdbx_overall_ESU_R                       ? 
_refine.pdbx_overall_ESU_R_Free                  ? 
_refine.overall_SU_ML                            ? 
_refine.overall_SU_B                             ? 
_refine.pdbx_refine_id                           'X-RAY DIFFRACTION' 
_refine.pdbx_diffrn_id                           1 
_refine.pdbx_TLS_residual_ADP_flag               ? 
_refine.correlation_coeff_Fo_to_Fc               ? 
_refine.correlation_coeff_Fo_to_Fc_free          ? 
_refine.pdbx_solvent_vdw_probe_radii             ? 
_refine.pdbx_solvent_ion_probe_radii             ? 
_refine.pdbx_solvent_shrinkage_radii             ? 
_refine.pdbx_overall_phase_error                 ? 
_refine.overall_SU_R_Cruickshank_DPI             ? 
_refine.pdbx_overall_SU_R_free_Cruickshank_DPI   ? 
_refine.pdbx_overall_SU_R_Blow_DPI               ? 
_refine.pdbx_overall_SU_R_free_Blow_DPI          ? 
# 
_refine_hist.pdbx_refine_id                   'X-RAY DIFFRACTION' 
_refine_hist.cycle_id                         LAST 
_refine_hist.pdbx_number_atoms_protein        0 
_refine_hist.pdbx_number_atoms_nucleic_acid   240 
_refine_hist.pdbx_number_atoms_ligand         0 
_refine_hist.number_atoms_solvent             21 
_refine_hist.number_atoms_total               261 
_refine_hist.d_res_high                       2.500 
_refine_hist.d_res_low                        10.000 
# 
loop_
_refine_ls_restr.type 
_refine_ls_restr.dev_ideal 
_refine_ls_restr.dev_ideal_target 
_refine_ls_restr.weight 
_refine_ls_restr.number 
_refine_ls_restr.pdbx_refine_id 
_refine_ls_restr.pdbx_restraint_function 
n_bond_d               ?      ?     ? ? 'X-RAY DIFFRACTION' ? 
n_angle_d              ?      ?     ? ? 'X-RAY DIFFRACTION' ? 
n_planar_d             ?      ?     ? ? 'X-RAY DIFFRACTION' ? 
n_hb_or_metal_coord    ?      ?     ? ? 'X-RAY DIFFRACTION' ? 
n_sugar_bond_it        5.500  2.000 ? ? 'X-RAY DIFFRACTION' ? 
n_sugar_angle_it       8.000  3.000 ? ? 'X-RAY DIFFRACTION' ? 
n_phos_bond_it         12.760 4.000 ? ? 'X-RAY DIFFRACTION' ? 
n_phos_angle_it        10.210 5.000 ? ? 'X-RAY DIFFRACTION' ? 
n_bond_angle_restr     ?      ?     ? ? 'X-RAY DIFFRACTION' ? 
n_dihedral_angle_restr ?      ?     ? ? 'X-RAY DIFFRACTION' ? 
n_impr_tor             ?      ?     ? ? 'X-RAY DIFFRACTION' ? 
n_sugar_bond_d         0.010  0.020 ? ? 'X-RAY DIFFRACTION' ? 
n_sugar_bond_angle_d   0.026  0.030 ? ? 'X-RAY DIFFRACTION' ? 
n_phos_bond_d          0.071  0.050 ? ? 'X-RAY DIFFRACTION' ? 
n_phos_bond_angle_d    0.070  0.070 ? ? 'X-RAY DIFFRACTION' ? 
n_plane_restr          0.005  0.020 ? ? 'X-RAY DIFFRACTION' ? 
n_chiral_restr         0.038  0.030 ? ? 'X-RAY DIFFRACTION' ? 
n_singtor_nbd          0.069  0.010 ? ? 'X-RAY DIFFRACTION' ? 
n_multtor_nbd          0.093  0.010 ? ? 'X-RAY DIFFRACTION' ? 
n_xhyhbond_nbd         ?      ?     ? ? 'X-RAY DIFFRACTION' ? 
# 
_struct.entry_id                  180D 
_struct.title                     
'SEQUENCE-DEPENDENT MICROHETEROGENEITY OF Z-DNA: THE CRYSTAL AND MOLECULAR STRUCTURES OF D(CACGCG).D(CGCGTG) AND D(CGCACG).D(CGTGCG)' 
_struct.pdbx_model_details        ? 
_struct.pdbx_CASP_flag            ? 
_struct.pdbx_model_type_details   ? 
# 
_struct_keywords.entry_id        180D 
_struct_keywords.pdbx_keywords   DNA 
_struct_keywords.text            'Z-DNA, DOUBLE HELIX, DNA' 
# 
loop_
_struct_asym.id 
_struct_asym.pdbx_blank_PDB_chainid_flag 
_struct_asym.pdbx_modified 
_struct_asym.entity_id 
_struct_asym.details 
A N N 1 ? 
B N N 2 ? 
C N N 3 ? 
D N N 3 ? 
# 
loop_
_struct_ref.id 
_struct_ref.entity_id 
_struct_ref.db_name 
_struct_ref.db_code 
_struct_ref.pdbx_db_accession 
_struct_ref.pdbx_db_isoform 
_struct_ref.pdbx_seq_one_letter_code 
_struct_ref.pdbx_align_begin 
1 1 PDB 180D 180D ? ? ? 
2 2 PDB 180D 180D ? ? ? 
# 
loop_
_struct_ref_seq.align_id 
_struct_ref_seq.ref_id 
_struct_ref_seq.pdbx_PDB_id_code 
_struct_ref_seq.pdbx_strand_id 
_struct_ref_seq.seq_align_beg 
_struct_ref_seq.pdbx_seq_align_beg_ins_code 
_struct_ref_seq.seq_align_end 
_struct_ref_seq.pdbx_seq_align_end_ins_code 
_struct_ref_seq.pdbx_db_accession 
_struct_ref_seq.db_align_beg 
_struct_ref_seq.pdbx_db_align_beg_ins_code 
_struct_ref_seq.db_align_end 
_struct_ref_seq.pdbx_db_align_end_ins_code 
_struct_ref_seq.pdbx_auth_seq_align_beg 
_struct_ref_seq.pdbx_auth_seq_align_end 
1 1 180D A 1 ? 6 ? 180D 1 ? 6  ? 1 6  
2 2 180D B 1 ? 6 ? 180D 7 ? 12 ? 7 12 
# 
_pdbx_struct_assembly.id                   1 
_pdbx_struct_assembly.details              author_defined_assembly 
_pdbx_struct_assembly.method_details       ? 
_pdbx_struct_assembly.oligomeric_details   dimeric 
_pdbx_struct_assembly.oligomeric_count     2 
# 
_pdbx_struct_assembly_gen.assembly_id       1 
_pdbx_struct_assembly_gen.oper_expression   1 
_pdbx_struct_assembly_gen.asym_id_list      A,B,C,D 
# 
_pdbx_struct_oper_list.id                   1 
_pdbx_struct_oper_list.type                 'identity operation' 
_pdbx_struct_oper_list.name                 1_555 
_pdbx_struct_oper_list.symmetry_operation   x,y,z 
_pdbx_struct_oper_list.matrix[1][1]         1.0000000000 
_pdbx_struct_oper_list.matrix[1][2]         0.0000000000 
_pdbx_struct_oper_list.matrix[1][3]         0.0000000000 
_pdbx_struct_oper_list.vector[1]            0.0000000000 
_pdbx_struct_oper_list.matrix[2][1]         0.0000000000 
_pdbx_struct_oper_list.matrix[2][2]         1.0000000000 
_pdbx_struct_oper_list.matrix[2][3]         0.0000000000 
_pdbx_struct_oper_list.vector[2]            0.0000000000 
_pdbx_struct_oper_list.matrix[3][1]         0.0000000000 
_pdbx_struct_oper_list.matrix[3][2]         0.0000000000 
_pdbx_struct_oper_list.matrix[3][3]         1.0000000000 
_pdbx_struct_oper_list.vector[3]            0.0000000000 
# 
_struct_biol.id   1 
# 
loop_
_struct_conn.id 
_struct_conn.conn_type_id 
_struct_conn.pdbx_leaving_atom_flag 
_struct_conn.pdbx_PDB_id 
_struct_conn.ptnr1_label_asym_id 
_struct_conn.ptnr1_label_comp_id 
_struct_conn.ptnr1_label_seq_id 
_struct_conn.ptnr1_label_atom_id 
_struct_conn.pdbx_ptnr1_label_alt_id 
_struct_conn.pdbx_ptnr1_PDB_ins_code 
_struct_conn.pdbx_ptnr1_standard_comp_id 
_struct_conn.ptnr1_symmetry 
_struct_conn.ptnr2_label_asym_id 
_struct_conn.ptnr2_label_comp_id 
_struct_conn.ptnr2_label_seq_id 
_struct_conn.ptnr2_label_atom_id 
_struct_conn.pdbx_ptnr2_label_alt_id 
_struct_conn.pdbx_ptnr2_PDB_ins_code 
_struct_conn.ptnr1_auth_asym_id 
_struct_conn.ptnr1_auth_comp_id 
_struct_conn.ptnr1_auth_seq_id 
_struct_conn.ptnr2_auth_asym_id 
_struct_conn.ptnr2_auth_comp_id 
_struct_conn.ptnr2_auth_seq_id 
_struct_conn.ptnr2_symmetry 
_struct_conn.pdbx_ptnr3_label_atom_id 
_struct_conn.pdbx_ptnr3_label_seq_id 
_struct_conn.pdbx_ptnr3_label_comp_id 
_struct_conn.pdbx_ptnr3_label_asym_id 
_struct_conn.pdbx_ptnr3_label_alt_id 
_struct_conn.pdbx_ptnr3_PDB_ins_code 
_struct_conn.details 
_struct_conn.pdbx_dist_value 
_struct_conn.pdbx_value_order 
_struct_conn.pdbx_role 
hydrog1  hydrog ? ? A DC 1 N3 ? ? ? 1_555 B DG 6 N1 ? ? A DC 1 B DG 12 1_555 ? ? ? ? ? ? WATSON-CRICK ? ? ? 
hydrog2  hydrog ? ? A DC 1 N4 ? ? ? 1_555 B DG 6 O6 ? ? A DC 1 B DG 12 1_555 ? ? ? ? ? ? WATSON-CRICK ? ? ? 
hydrog3  hydrog ? ? A DC 1 O2 ? ? ? 1_555 B DG 6 N2 ? ? A DC 1 B DG 12 1_555 ? ? ? ? ? ? WATSON-CRICK ? ? ? 
hydrog4  hydrog ? ? A DG 2 N1 ? ? ? 1_555 B DC 5 N3 ? ? A DG 2 B DC 11 1_555 ? ? ? ? ? ? WATSON-CRICK ? ? ? 
hydrog5  hydrog ? ? A DG 2 N2 ? ? ? 1_555 B DC 5 O2 ? ? A DG 2 B DC 11 1_555 ? ? ? ? ? ? WATSON-CRICK ? ? ? 
hydrog6  hydrog ? ? A DG 2 O6 ? ? ? 1_555 B DC 5 N4 ? ? A DG 2 B DC 11 1_555 ? ? ? ? ? ? WATSON-CRICK ? ? ? 
hydrog7  hydrog ? ? A DC 3 N3 ? ? ? 1_555 B DG 4 N1 ? ? A DC 3 B DG 10 1_555 ? ? ? ? ? ? WATSON-CRICK ? ? ? 
hydrog8  hydrog ? ? A DC 3 N4 ? ? ? 1_555 B DG 4 O6 ? ? A DC 3 B DG 10 1_555 ? ? ? ? ? ? WATSON-CRICK ? ? ? 
hydrog9  hydrog ? ? A DC 3 O2 ? ? ? 1_555 B DG 4 N2 ? ? A DC 3 B DG 10 1_555 ? ? ? ? ? ? WATSON-CRICK ? ? ? 
hydrog10 hydrog ? ? A DA 4 N1 ? ? ? 1_555 B DT 3 N3 ? ? A DA 4 B DT 9  1_555 ? ? ? ? ? ? WATSON-CRICK ? ? ? 
hydrog11 hydrog ? ? A DA 4 N6 ? ? ? 1_555 B DT 3 O4 ? ? A DA 4 B DT 9  1_555 ? ? ? ? ? ? WATSON-CRICK ? ? ? 
hydrog12 hydrog ? ? A DC 5 N3 ? ? ? 1_555 B DG 2 N1 ? ? A DC 5 B DG 8  1_555 ? ? ? ? ? ? WATSON-CRICK ? ? ? 
hydrog13 hydrog ? ? A DC 5 N4 ? ? ? 1_555 B DG 2 O6 ? ? A DC 5 B DG 8  1_555 ? ? ? ? ? ? WATSON-CRICK ? ? ? 
hydrog14 hydrog ? ? A DC 5 O2 ? ? ? 1_555 B DG 2 N2 ? ? A DC 5 B DG 8  1_555 ? ? ? ? ? ? WATSON-CRICK ? ? ? 
hydrog15 hydrog ? ? A DG 6 N1 ? ? ? 1_555 B DC 1 N3 ? ? A DG 6 B DC 7  1_555 ? ? ? ? ? ? WATSON-CRICK ? ? ? 
hydrog16 hydrog ? ? A DG 6 N2 ? ? ? 1_555 B DC 1 O2 ? ? A DG 6 B DC 7  1_555 ? ? ? ? ? ? WATSON-CRICK ? ? ? 
hydrog17 hydrog ? ? A DG 6 O6 ? ? ? 1_555 B DC 1 N4 ? ? A DG 6 B DC 7  1_555 ? ? ? ? ? ? WATSON-CRICK ? ? ? 
# 
_struct_conn_type.id          hydrog 
_struct_conn_type.criteria    ? 
_struct_conn_type.reference   ? 
# 
loop_
_pdbx_validate_rmsd_bond.id 
_pdbx_validate_rmsd_bond.PDB_model_num 
_pdbx_validate_rmsd_bond.auth_atom_id_1 
_pdbx_validate_rmsd_bond.auth_asym_id_1 
_pdbx_validate_rmsd_bond.auth_comp_id_1 
_pdbx_validate_rmsd_bond.auth_seq_id_1 
_pdbx_validate_rmsd_bond.PDB_ins_code_1 
_pdbx_validate_rmsd_bond.label_alt_id_1 
_pdbx_validate_rmsd_bond.auth_atom_id_2 
_pdbx_validate_rmsd_bond.auth_asym_id_2 
_pdbx_validate_rmsd_bond.auth_comp_id_2 
_pdbx_validate_rmsd_bond.auth_seq_id_2 
_pdbx_validate_rmsd_bond.PDB_ins_code_2 
_pdbx_validate_rmsd_bond.label_alt_id_2 
_pdbx_validate_rmsd_bond.bond_value 
_pdbx_validate_rmsd_bond.bond_target_value 
_pdbx_validate_rmsd_bond.bond_deviation 
_pdbx_validate_rmsd_bond.bond_standard_deviation 
_pdbx_validate_rmsd_bond.linker_flag 
1 1 P     A DG 2  ? ? "O5'" A DG 2  ? ? 1.680 1.593 0.087  0.010 N 
2 1 "O3'" A DG 2  ? ? P     A DC 3  ? ? 1.503 1.607 -0.104 0.012 Y 
3 1 P     A DC 3  ? ? "O5'" A DC 3  ? ? 1.661 1.593 0.068  0.010 N 
4 1 P     A DA 4  ? ? "O5'" A DA 4  ? ? 1.666 1.593 0.073  0.010 N 
5 1 P     A DG 6  ? ? "O5'" A DG 6  ? ? 1.673 1.593 0.080  0.010 N 
6 1 P     B DG 8  ? ? "O5'" B DG 8  ? ? 1.661 1.593 0.068  0.010 N 
7 1 P     B DC 11 ? ? "O5'" B DC 11 ? ? 1.710 1.593 0.117  0.010 N 
8 1 "O3'" B DC 11 ? ? P     B DG 12 ? ? 1.709 1.607 0.102  0.012 Y 
# 
loop_
_pdbx_validate_rmsd_angle.id 
_pdbx_validate_rmsd_angle.PDB_model_num 
_pdbx_validate_rmsd_angle.auth_atom_id_1 
_pdbx_validate_rmsd_angle.auth_asym_id_1 
_pdbx_validate_rmsd_angle.auth_comp_id_1 
_pdbx_validate_rmsd_angle.auth_seq_id_1 
_pdbx_validate_rmsd_angle.PDB_ins_code_1 
_pdbx_validate_rmsd_angle.label_alt_id_1 
_pdbx_validate_rmsd_angle.auth_atom_id_2 
_pdbx_validate_rmsd_angle.auth_asym_id_2 
_pdbx_validate_rmsd_angle.auth_comp_id_2 
_pdbx_validate_rmsd_angle.auth_seq_id_2 
_pdbx_validate_rmsd_angle.PDB_ins_code_2 
_pdbx_validate_rmsd_angle.label_alt_id_2 
_pdbx_validate_rmsd_angle.auth_atom_id_3 
_pdbx_validate_rmsd_angle.auth_asym_id_3 
_pdbx_validate_rmsd_angle.auth_comp_id_3 
_pdbx_validate_rmsd_angle.auth_seq_id_3 
_pdbx_validate_rmsd_angle.PDB_ins_code_3 
_pdbx_validate_rmsd_angle.label_alt_id_3 
_pdbx_validate_rmsd_angle.angle_value 
_pdbx_validate_rmsd_angle.angle_target_value 
_pdbx_validate_rmsd_angle.angle_deviation 
_pdbx_validate_rmsd_angle.angle_standard_deviation 
_pdbx_validate_rmsd_angle.linker_flag 
1  1 "O4'" A DC 1  ? ? "C4'" A DC 1  ? ? "C3'" A DC 1  ? ? 99.17  104.50 -5.33  0.40 N 
2  1 N1    A DC 1  ? ? C2    A DC 1  ? ? O2    A DC 1  ? ? 123.69 118.90 4.79   0.60 N 
3  1 "C3'" A DC 1  ? ? "O3'" A DC 1  ? ? P     A DG 2  ? ? 130.42 119.70 10.72  1.20 Y 
4  1 "O3'" A DC 1  ? ? P     A DG 2  ? ? OP1   A DG 2  ? ? 118.14 110.50 7.64   1.10 Y 
5  1 "O5'" A DG 2  ? ? P     A DG 2  ? ? OP1   A DG 2  ? ? 99.73  105.70 -5.97  0.90 N 
6  1 "O4'" A DG 2  ? ? "C1'" A DG 2  ? ? N9    A DG 2  ? ? 112.10 108.30 3.80   0.30 N 
7  1 C5    A DG 2  ? ? C6    A DG 2  ? ? N1    A DG 2  ? ? 114.52 111.50 3.02   0.50 N 
8  1 "C3'" A DG 2  ? ? "O3'" A DG 2  ? ? P     A DC 3  ? ? 143.17 119.70 23.47  1.20 Y 
9  1 "O3'" A DG 2  ? ? P     A DC 3  ? ? OP1   A DC 3  ? ? 120.95 110.50 10.45  1.10 Y 
10 1 OP1   A DC 3  ? ? P     A DC 3  ? ? OP2   A DC 3  ? ? 104.17 119.60 -15.43 1.50 N 
11 1 P     A DC 3  ? ? "O5'" A DC 3  ? ? "C5'" A DC 3  ? ? 107.33 120.90 -13.57 1.60 N 
12 1 "O4'" A DC 3  ? ? "C1'" A DC 3  ? ? N1    A DC 3  ? ? 110.23 108.30 1.93   0.30 N 
13 1 N3    A DC 3  ? ? C4    A DC 3  ? ? N4    A DC 3  ? ? 123.63 118.00 5.63   0.70 N 
14 1 "C3'" A DC 3  ? ? "O3'" A DC 3  ? ? P     A DA 4  ? ? 133.47 119.70 13.77  1.20 Y 
15 1 OP1   A DA 4  ? ? P     A DA 4  ? ? OP2   A DA 4  ? ? 133.29 119.60 13.69  1.50 N 
16 1 "O5'" A DA 4  ? ? "C5'" A DA 4  ? ? "C4'" A DA 4  ? ? 102.64 109.40 -6.76  0.80 N 
17 1 P     A DA 4  ? ? "O5'" A DA 4  ? ? "C5'" A DA 4  ? ? 105.21 120.90 -15.69 1.60 N 
18 1 N1    A DA 4  ? ? C2    A DA 4  ? ? N3    A DA 4  ? ? 125.24 129.30 -4.06  0.50 N 
19 1 "C3'" A DA 4  ? ? "O3'" A DA 4  ? ? P     A DC 5  ? ? 146.02 119.70 26.32  1.20 Y 
20 1 OP1   A DC 5  ? ? P     A DC 5  ? ? OP2   A DC 5  ? ? 105.89 119.60 -13.71 1.50 N 
21 1 "O4'" A DC 5  ? ? "C1'" A DC 5  ? ? N1    A DC 5  ? ? 112.56 108.30 4.26   0.30 N 
22 1 N1    A DC 5  ? ? C2    A DC 5  ? ? O2    A DC 5  ? ? 123.99 118.90 5.09   0.60 N 
23 1 "C3'" A DC 5  ? ? "O3'" A DC 5  ? ? P     A DG 6  ? ? 162.62 119.70 42.92  1.20 Y 
24 1 "O3'" A DC 5  ? ? P     A DG 6  ? ? OP2   A DG 6  ? ? 124.16 110.50 13.66  1.10 Y 
25 1 "O3'" A DC 5  ? ? P     A DG 6  ? ? OP1   A DG 6  ? ? 119.30 110.50 8.80   1.10 Y 
26 1 OP1   A DG 6  ? ? P     A DG 6  ? ? OP2   A DG 6  ? ? 110.02 119.60 -9.58  1.50 N 
27 1 "O5'" A DG 6  ? ? "C5'" A DG 6  ? ? "C4'" A DG 6  ? ? 101.35 109.40 -8.05  0.80 N 
28 1 "O4'" A DG 6  ? ? "C4'" A DG 6  ? ? "C3'" A DG 6  ? ? 100.35 104.50 -4.15  0.40 N 
29 1 "O4'" A DG 6  ? ? "C1'" A DG 6  ? ? N9    A DG 6  ? ? 114.67 108.30 6.37   0.30 N 
30 1 C6    A DG 6  ? ? N1    A DG 6  ? ? C2    A DG 6  ? ? 121.39 125.10 -3.71  0.60 N 
31 1 C5    A DG 6  ? ? C6    A DG 6  ? ? N1    A DG 6  ? ? 114.62 111.50 3.12   0.50 N 
32 1 "O4'" B DC 7  ? ? "C1'" B DC 7  ? ? N1    B DC 7  ? ? 112.89 108.30 4.59   0.30 N 
33 1 N1    B DC 7  ? ? C2    B DC 7  ? ? O2    B DC 7  ? ? 122.61 118.90 3.71   0.60 N 
34 1 "C3'" B DC 7  ? ? "O3'" B DC 7  ? ? P     B DG 8  ? ? 140.12 119.70 20.42  1.20 Y 
35 1 "O4'" B DG 8  ? ? "C1'" B DG 8  ? ? N9    B DG 8  ? ? 110.23 108.30 1.93   0.30 N 
36 1 C6    B DG 8  ? ? N1    B DG 8  ? ? C2    B DG 8  ? ? 120.99 125.10 -4.11  0.60 N 
37 1 C5    B DG 8  ? ? C6    B DG 8  ? ? N1    B DG 8  ? ? 115.35 111.50 3.85   0.50 N 
38 1 "O4'" B DT 9  ? ? "C1'" B DT 9  ? ? N1    B DT 9  ? ? 111.59 108.30 3.29   0.30 N 
39 1 N1    B DT 9  ? ? C2    B DT 9  ? ? N3    B DT 9  ? ? 118.79 114.60 4.19   0.60 N 
40 1 C2    B DT 9  ? ? N3    B DT 9  ? ? C4    B DT 9  ? ? 121.93 127.20 -5.27  0.60 N 
41 1 "C3'" B DT 9  ? ? "O3'" B DT 9  ? ? P     B DG 10 ? ? 152.17 119.70 32.47  1.20 Y 
42 1 "O4'" B DG 10 ? ? "C1'" B DG 10 ? ? N9    B DG 10 ? ? 101.12 108.00 -6.88  0.70 N 
43 1 P     B DC 11 ? ? "O5'" B DC 11 ? ? "C5'" B DC 11 ? ? 104.42 120.90 -16.48 1.60 N 
44 1 "O4'" B DC 11 ? ? "C1'" B DC 11 ? ? N1    B DC 11 ? ? 110.90 108.30 2.60   0.30 N 
45 1 "O3'" B DC 11 ? ? P     B DG 12 ? ? OP2   B DG 12 ? ? 90.67  105.20 -14.53 2.20 Y 
46 1 "O5'" B DG 12 ? ? P     B DG 12 ? ? OP2   B DG 12 ? ? 119.45 110.70 8.75   1.20 N 
47 1 C6    B DG 12 ? ? N1    B DG 12 ? ? C2    B DG 12 ? ? 120.43 125.10 -4.67  0.60 N 
48 1 C5    B DG 12 ? ? C6    B DG 12 ? ? N1    B DG 12 ? ? 115.06 111.50 3.56   0.50 N 
# 
loop_
_refine_B_iso.class 
_refine_B_iso.details 
_refine_B_iso.treatment 
_refine_B_iso.pdbx_refine_id 
'ALL ATOMS'  ? ? 'X-RAY DIFFRACTION' 
'ALL WATERS' ? ? 'X-RAY DIFFRACTION' 
# 
loop_
_refine_occupancy.class 
_refine_occupancy.treatment 
_refine_occupancy.pdbx_refine_id 
'ALL ATOMS'  ? 'X-RAY DIFFRACTION' 
'ALL WATERS' ? 'X-RAY DIFFRACTION' 
# 
loop_
_chem_comp_atom.comp_id 
_chem_comp_atom.atom_id 
_chem_comp_atom.type_symbol 
_chem_comp_atom.pdbx_aromatic_flag 
_chem_comp_atom.pdbx_stereo_config 
_chem_comp_atom.pdbx_ordinal 
DA  OP3    O N N 1   
DA  P      P N N 2   
DA  OP1    O N N 3   
DA  OP2    O N N 4   
DA  "O5'"  O N N 5   
DA  "C5'"  C N N 6   
DA  "C4'"  C N R 7   
DA  "O4'"  O N N 8   
DA  "C3'"  C N S 9   
DA  "O3'"  O N N 10  
DA  "C2'"  C N N 11  
DA  "C1'"  C N R 12  
DA  N9     N Y N 13  
DA  C8     C Y N 14  
DA  N7     N Y N 15  
DA  C5     C Y N 16  
DA  C6     C Y N 17  
DA  N6     N N N 18  
DA  N1     N Y N 19  
DA  C2     C Y N 20  
DA  N3     N Y N 21  
DA  C4     C Y N 22  
DA  HOP3   H N N 23  
DA  HOP2   H N N 24  
DA  "H5'"  H N N 25  
DA  "H5''" H N N 26  
DA  "H4'"  H N N 27  
DA  "H3'"  H N N 28  
DA  "HO3'" H N N 29  
DA  "H2'"  H N N 30  
DA  "H2''" H N N 31  
DA  "H1'"  H N N 32  
DA  H8     H N N 33  
DA  H61    H N N 34  
DA  H62    H N N 35  
DA  H2     H N N 36  
DC  OP3    O N N 37  
DC  P      P N N 38  
DC  OP1    O N N 39  
DC  OP2    O N N 40  
DC  "O5'"  O N N 41  
DC  "C5'"  C N N 42  
DC  "C4'"  C N R 43  
DC  "O4'"  O N N 44  
DC  "C3'"  C N S 45  
DC  "O3'"  O N N 46  
DC  "C2'"  C N N 47  
DC  "C1'"  C N R 48  
DC  N1     N N N 49  
DC  C2     C N N 50  
DC  O2     O N N 51  
DC  N3     N N N 52  
DC  C4     C N N 53  
DC  N4     N N N 54  
DC  C5     C N N 55  
DC  C6     C N N 56  
DC  HOP3   H N N 57  
DC  HOP2   H N N 58  
DC  "H5'"  H N N 59  
DC  "H5''" H N N 60  
DC  "H4'"  H N N 61  
DC  "H3'"  H N N 62  
DC  "HO3'" H N N 63  
DC  "H2'"  H N N 64  
DC  "H2''" H N N 65  
DC  "H1'"  H N N 66  
DC  H41    H N N 67  
DC  H42    H N N 68  
DC  H5     H N N 69  
DC  H6     H N N 70  
DG  OP3    O N N 71  
DG  P      P N N 72  
DG  OP1    O N N 73  
DG  OP2    O N N 74  
DG  "O5'"  O N N 75  
DG  "C5'"  C N N 76  
DG  "C4'"  C N R 77  
DG  "O4'"  O N N 78  
DG  "C3'"  C N S 79  
DG  "O3'"  O N N 80  
DG  "C2'"  C N N 81  
DG  "C1'"  C N R 82  
DG  N9     N Y N 83  
DG  C8     C Y N 84  
DG  N7     N Y N 85  
DG  C5     C Y N 86  
DG  C6     C N N 87  
DG  O6     O N N 88  
DG  N1     N N N 89  
DG  C2     C N N 90  
DG  N2     N N N 91  
DG  N3     N N N 92  
DG  C4     C Y N 93  
DG  HOP3   H N N 94  
DG  HOP2   H N N 95  
DG  "H5'"  H N N 96  
DG  "H5''" H N N 97  
DG  "H4'"  H N N 98  
DG  "H3'"  H N N 99  
DG  "HO3'" H N N 100 
DG  "H2'"  H N N 101 
DG  "H2''" H N N 102 
DG  "H1'"  H N N 103 
DG  H8     H N N 104 
DG  H1     H N N 105 
DG  H21    H N N 106 
DG  H22    H N N 107 
DT  OP3    O N N 108 
DT  P      P N N 109 
DT  OP1    O N N 110 
DT  OP2    O N N 111 
DT  "O5'"  O N N 112 
DT  "C5'"  C N N 113 
DT  "C4'"  C N R 114 
DT  "O4'"  O N N 115 
DT  "C3'"  C N S 116 
DT  "O3'"  O N N 117 
DT  "C2'"  C N N 118 
DT  "C1'"  C N R 119 
DT  N1     N N N 120 
DT  C2     C N N 121 
DT  O2     O N N 122 
DT  N3     N N N 123 
DT  C4     C N N 124 
DT  O4     O N N 125 
DT  C5     C N N 126 
DT  C7     C N N 127 
DT  C6     C N N 128 
DT  HOP3   H N N 129 
DT  HOP2   H N N 130 
DT  "H5'"  H N N 131 
DT  "H5''" H N N 132 
DT  "H4'"  H N N 133 
DT  "H3'"  H N N 134 
DT  "HO3'" H N N 135 
DT  "H2'"  H N N 136 
DT  "H2''" H N N 137 
DT  "H1'"  H N N 138 
DT  H3     H N N 139 
DT  H71    H N N 140 
DT  H72    H N N 141 
DT  H73    H N N 142 
DT  H6     H N N 143 
HOH O      O N N 144 
HOH H1     H N N 145 
HOH H2     H N N 146 
# 
loop_
_chem_comp_bond.comp_id 
_chem_comp_bond.atom_id_1 
_chem_comp_bond.atom_id_2 
_chem_comp_bond.value_order 
_chem_comp_bond.pdbx_aromatic_flag 
_chem_comp_bond.pdbx_stereo_config 
_chem_comp_bond.pdbx_ordinal 
DA  OP3   P      sing N N 1   
DA  OP3   HOP3   sing N N 2   
DA  P     OP1    doub N N 3   
DA  P     OP2    sing N N 4   
DA  P     "O5'"  sing N N 5   
DA  OP2   HOP2   sing N N 6   
DA  "O5'" "C5'"  sing N N 7   
DA  "C5'" "C4'"  sing N N 8   
DA  "C5'" "H5'"  sing N N 9   
DA  "C5'" "H5''" sing N N 10  
DA  "C4'" "O4'"  sing N N 11  
DA  "C4'" "C3'"  sing N N 12  
DA  "C4'" "H4'"  sing N N 13  
DA  "O4'" "C1'"  sing N N 14  
DA  "C3'" "O3'"  sing N N 15  
DA  "C3'" "C2'"  sing N N 16  
DA  "C3'" "H3'"  sing N N 17  
DA  "O3'" "HO3'" sing N N 18  
DA  "C2'" "C1'"  sing N N 19  
DA  "C2'" "H2'"  sing N N 20  
DA  "C2'" "H2''" sing N N 21  
DA  "C1'" N9     sing N N 22  
DA  "C1'" "H1'"  sing N N 23  
DA  N9    C8     sing Y N 24  
DA  N9    C4     sing Y N 25  
DA  C8    N7     doub Y N 26  
DA  C8    H8     sing N N 27  
DA  N7    C5     sing Y N 28  
DA  C5    C6     sing Y N 29  
DA  C5    C4     doub Y N 30  
DA  C6    N6     sing N N 31  
DA  C6    N1     doub Y N 32  
DA  N6    H61    sing N N 33  
DA  N6    H62    sing N N 34  
DA  N1    C2     sing Y N 35  
DA  C2    N3     doub Y N 36  
DA  C2    H2     sing N N 37  
DA  N3    C4     sing Y N 38  
DC  OP3   P      sing N N 39  
DC  OP3   HOP3   sing N N 40  
DC  P     OP1    doub N N 41  
DC  P     OP2    sing N N 42  
DC  P     "O5'"  sing N N 43  
DC  OP2   HOP2   sing N N 44  
DC  "O5'" "C5'"  sing N N 45  
DC  "C5'" "C4'"  sing N N 46  
DC  "C5'" "H5'"  sing N N 47  
DC  "C5'" "H5''" sing N N 48  
DC  "C4'" "O4'"  sing N N 49  
DC  "C4'" "C3'"  sing N N 50  
DC  "C4'" "H4'"  sing N N 51  
DC  "O4'" "C1'"  sing N N 52  
DC  "C3'" "O3'"  sing N N 53  
DC  "C3'" "C2'"  sing N N 54  
DC  "C3'" "H3'"  sing N N 55  
DC  "O3'" "HO3'" sing N N 56  
DC  "C2'" "C1'"  sing N N 57  
DC  "C2'" "H2'"  sing N N 58  
DC  "C2'" "H2''" sing N N 59  
DC  "C1'" N1     sing N N 60  
DC  "C1'" "H1'"  sing N N 61  
DC  N1    C2     sing N N 62  
DC  N1    C6     sing N N 63  
DC  C2    O2     doub N N 64  
DC  C2    N3     sing N N 65  
DC  N3    C4     doub N N 66  
DC  C4    N4     sing N N 67  
DC  C4    C5     sing N N 68  
DC  N4    H41    sing N N 69  
DC  N4    H42    sing N N 70  
DC  C5    C6     doub N N 71  
DC  C5    H5     sing N N 72  
DC  C6    H6     sing N N 73  
DG  OP3   P      sing N N 74  
DG  OP3   HOP3   sing N N 75  
DG  P     OP1    doub N N 76  
DG  P     OP2    sing N N 77  
DG  P     "O5'"  sing N N 78  
DG  OP2   HOP2   sing N N 79  
DG  "O5'" "C5'"  sing N N 80  
DG  "C5'" "C4'"  sing N N 81  
DG  "C5'" "H5'"  sing N N 82  
DG  "C5'" "H5''" sing N N 83  
DG  "C4'" "O4'"  sing N N 84  
DG  "C4'" "C3'"  sing N N 85  
DG  "C4'" "H4'"  sing N N 86  
DG  "O4'" "C1'"  sing N N 87  
DG  "C3'" "O3'"  sing N N 88  
DG  "C3'" "C2'"  sing N N 89  
DG  "C3'" "H3'"  sing N N 90  
DG  "O3'" "HO3'" sing N N 91  
DG  "C2'" "C1'"  sing N N 92  
DG  "C2'" "H2'"  sing N N 93  
DG  "C2'" "H2''" sing N N 94  
DG  "C1'" N9     sing N N 95  
DG  "C1'" "H1'"  sing N N 96  
DG  N9    C8     sing Y N 97  
DG  N9    C4     sing Y N 98  
DG  C8    N7     doub Y N 99  
DG  C8    H8     sing N N 100 
DG  N7    C5     sing Y N 101 
DG  C5    C6     sing N N 102 
DG  C5    C4     doub Y N 103 
DG  C6    O6     doub N N 104 
DG  C6    N1     sing N N 105 
DG  N1    C2     sing N N 106 
DG  N1    H1     sing N N 107 
DG  C2    N2     sing N N 108 
DG  C2    N3     doub N N 109 
DG  N2    H21    sing N N 110 
DG  N2    H22    sing N N 111 
DG  N3    C4     sing N N 112 
DT  OP3   P      sing N N 113 
DT  OP3   HOP3   sing N N 114 
DT  P     OP1    doub N N 115 
DT  P     OP2    sing N N 116 
DT  P     "O5'"  sing N N 117 
DT  OP2   HOP2   sing N N 118 
DT  "O5'" "C5'"  sing N N 119 
DT  "C5'" "C4'"  sing N N 120 
DT  "C5'" "H5'"  sing N N 121 
DT  "C5'" "H5''" sing N N 122 
DT  "C4'" "O4'"  sing N N 123 
DT  "C4'" "C3'"  sing N N 124 
DT  "C4'" "H4'"  sing N N 125 
DT  "O4'" "C1'"  sing N N 126 
DT  "C3'" "O3'"  sing N N 127 
DT  "C3'" "C2'"  sing N N 128 
DT  "C3'" "H3'"  sing N N 129 
DT  "O3'" "HO3'" sing N N 130 
DT  "C2'" "C1'"  sing N N 131 
DT  "C2'" "H2'"  sing N N 132 
DT  "C2'" "H2''" sing N N 133 
DT  "C1'" N1     sing N N 134 
DT  "C1'" "H1'"  sing N N 135 
DT  N1    C2     sing N N 136 
DT  N1    C6     sing N N 137 
DT  C2    O2     doub N N 138 
DT  C2    N3     sing N N 139 
DT  N3    C4     sing N N 140 
DT  N3    H3     sing N N 141 
DT  C4    O4     doub N N 142 
DT  C4    C5     sing N N 143 
DT  C5    C7     sing N N 144 
DT  C5    C6     doub N N 145 
DT  C7    H71    sing N N 146 
DT  C7    H72    sing N N 147 
DT  C7    H73    sing N N 148 
DT  C6    H6     sing N N 149 
HOH O     H1     sing N N 150 
HOH O     H2     sing N N 151 
# 
_ndb_struct_conf_na.entry_id   180D 
_ndb_struct_conf_na.feature    'z-form double helix' 
# 
loop_
_ndb_struct_na_base_pair.model_number 
_ndb_struct_na_base_pair.i_label_asym_id 
_ndb_struct_na_base_pair.i_label_comp_id 
_ndb_struct_na_base_pair.i_label_seq_id 
_ndb_struct_na_base_pair.i_symmetry 
_ndb_struct_na_base_pair.j_label_asym_id 
_ndb_struct_na_base_pair.j_label_comp_id 
_ndb_struct_na_base_pair.j_label_seq_id 
_ndb_struct_na_base_pair.j_symmetry 
_ndb_struct_na_base_pair.shear 
_ndb_struct_na_base_pair.stretch 
_ndb_struct_na_base_pair.stagger 
_ndb_struct_na_base_pair.buckle 
_ndb_struct_na_base_pair.propeller 
_ndb_struct_na_base_pair.opening 
_ndb_struct_na_base_pair.pair_number 
_ndb_struct_na_base_pair.pair_name 
_ndb_struct_na_base_pair.i_auth_asym_id 
_ndb_struct_na_base_pair.i_auth_seq_id 
_ndb_struct_na_base_pair.i_PDB_ins_code 
_ndb_struct_na_base_pair.j_auth_asym_id 
_ndb_struct_na_base_pair.j_auth_seq_id 
_ndb_struct_na_base_pair.j_PDB_ins_code 
_ndb_struct_na_base_pair.hbond_type_28 
_ndb_struct_na_base_pair.hbond_type_12 
1 A DC 1 1_555 B DG 6 1_555 -0.025 -0.159 -0.808 -6.019  7.440  0.652 1 A_DC1:DG12_B A 1 ? B 12 ? 19 1 
1 A DG 2 1_555 B DC 5 1_555 0.068  -0.163 -0.131 0.045   -6.134 3.959 2 A_DG2:DC11_B A 2 ? B 11 ? 19 1 
1 A DC 3 1_555 B DG 4 1_555 -0.848 -0.431 0.098  -10.964 -3.240 7.261 3 A_DC3:DG10_B A 3 ? B 10 ? 19 1 
1 A DA 4 1_555 B DT 3 1_555 -0.231 0.024  -0.302 -3.128  5.257  3.630 4 A_DA4:DT9_B  A 4 ? B 9  ? 20 1 
1 A DC 5 1_555 B DG 2 1_555 -0.228 -0.285 -1.186 7.224   -6.098 5.529 5 A_DC5:DG8_B  A 5 ? B 8  ? 19 1 
1 A DG 6 1_555 B DC 1 1_555 0.064  -0.132 0.597  0.200   5.247  4.468 6 A_DG6:DC7_B  A 6 ? B 7  ? 19 1 
# 
loop_
_ndb_struct_na_base_pair_step.model_number 
_ndb_struct_na_base_pair_step.i_label_asym_id_1 
_ndb_struct_na_base_pair_step.i_label_comp_id_1 
_ndb_struct_na_base_pair_step.i_label_seq_id_1 
_ndb_struct_na_base_pair_step.i_symmetry_1 
_ndb_struct_na_base_pair_step.j_label_asym_id_1 
_ndb_struct_na_base_pair_step.j_label_comp_id_1 
_ndb_struct_na_base_pair_step.j_label_seq_id_1 
_ndb_struct_na_base_pair_step.j_symmetry_1 
_ndb_struct_na_base_pair_step.i_label_asym_id_2 
_ndb_struct_na_base_pair_step.i_label_comp_id_2 
_ndb_struct_na_base_pair_step.i_label_seq_id_2 
_ndb_struct_na_base_pair_step.i_symmetry_2 
_ndb_struct_na_base_pair_step.j_label_asym_id_2 
_ndb_struct_na_base_pair_step.j_label_comp_id_2 
_ndb_struct_na_base_pair_step.j_label_seq_id_2 
_ndb_struct_na_base_pair_step.j_symmetry_2 
_ndb_struct_na_base_pair_step.shift 
_ndb_struct_na_base_pair_step.slide 
_ndb_struct_na_base_pair_step.rise 
_ndb_struct_na_base_pair_step.tilt 
_ndb_struct_na_base_pair_step.roll 
_ndb_struct_na_base_pair_step.twist 
_ndb_struct_na_base_pair_step.x_displacement 
_ndb_struct_na_base_pair_step.y_displacement 
_ndb_struct_na_base_pair_step.helical_rise 
_ndb_struct_na_base_pair_step.inclination 
_ndb_struct_na_base_pair_step.tip 
_ndb_struct_na_base_pair_step.helical_twist 
_ndb_struct_na_base_pair_step.step_number 
_ndb_struct_na_base_pair_step.step_name 
_ndb_struct_na_base_pair_step.i_auth_asym_id_1 
_ndb_struct_na_base_pair_step.i_auth_seq_id_1 
_ndb_struct_na_base_pair_step.i_PDB_ins_code_1 
_ndb_struct_na_base_pair_step.j_auth_asym_id_1 
_ndb_struct_na_base_pair_step.j_auth_seq_id_1 
_ndb_struct_na_base_pair_step.j_PDB_ins_code_1 
_ndb_struct_na_base_pair_step.i_auth_asym_id_2 
_ndb_struct_na_base_pair_step.i_auth_seq_id_2 
_ndb_struct_na_base_pair_step.i_PDB_ins_code_2 
_ndb_struct_na_base_pair_step.j_auth_asym_id_2 
_ndb_struct_na_base_pair_step.j_auth_seq_id_2 
_ndb_struct_na_base_pair_step.j_PDB_ins_code_2 
1 A DC 1 1_555 B DG 6 1_555 A DG 2 1_555 B DC 5 1_555 -0.300 5.788  2.989 -4.223 3.117  -15.898 -21.410 -3.100  1.694  -10.889 
-14.755 -16.737 1 AA_DC1DG2:DC11DG12_BB A 1 ? B 12 ? A 2 ? B 11 ? 
1 A DG 2 1_555 B DC 5 1_555 A DC 3 1_555 B DG 4 1_555 0.486  -1.705 4.244 -4.623 -5.848 -45.375 2.827   0.115   4.034  7.521   
-5.946  -45.952 2 AA_DG2DC3:DG10DC11_BB A 2 ? B 11 ? A 3 ? B 10 ? 
1 A DC 3 1_555 B DG 4 1_555 A DA 4 1_555 B DT 3 1_555 0.044  6.469  3.127 2.547  -0.520 -21.021 -17.389 1.157   3.256  1.419   
6.946   -21.180 3 AA_DC3DA4:DT9DG10_BB  A 3 ? B 10 ? A 4 ? B 9  ? 
1 A DA 4 1_555 B DT 3 1_555 A DC 5 1_555 B DG 2 1_555 1.194  -1.376 3.469 -2.529 3.666  -44.654 1.442   1.315   3.624  -4.811  
-3.318  -44.864 4 AA_DA4DC5:DG8DT9_BB   A 4 ? B 9  ? A 5 ? B 8  ? 
1 A DC 5 1_555 B DG 2 1_555 A DG 6 1_555 B DC 1 1_555 -0.857 4.021  3.553 -8.692 2.210  -2.052  -28.219 -17.722 -0.982 -19.006 
-74.758 -9.199  5 AA_DC5DG6:DC7DG8_BB   A 5 ? B 8  ? A 6 ? B 7  ? 
# 
_atom_sites.entry_id                    180D 
_atom_sites.fract_transf_matrix[1][1]   0.01340537 
_atom_sites.fract_transf_matrix[1][2]   0.06094238 
_atom_sites.fract_transf_matrix[1][3]   -0.01850760 
_atom_sites.fract_transf_matrix[2][1]   -0.03733157 
_atom_sites.fract_transf_matrix[2][2]   0.04920211 
_atom_sites.fract_transf_matrix[2][3]   0.02042081 
_atom_sites.fract_transf_matrix[3][1]   0.01374937 
_atom_sites.fract_transf_matrix[3][2]   0.00266150 
_atom_sites.fract_transf_matrix[3][3]   0.01872278 
_atom_sites.fract_transf_vector[1]      0.065437 
_atom_sites.fract_transf_vector[2]      0.024658 
_atom_sites.fract_transf_vector[3]      0.288102 
# 
loop_
_atom_type.symbol 
C 
N 
O 
P 
# 
loop_
_atom_site.group_PDB 
_atom_site.id 
_atom_site.type_symbol 
_atom_site.label_atom_id 
_atom_site.label_alt_id 
_atom_site.label_comp_id 
_atom_site.label_asym_id 
_atom_site.label_entity_id 
_atom_site.label_seq_id 
_atom_site.pdbx_PDB_ins_code 
_atom_site.Cartn_x 
_atom_site.Cartn_y 
_atom_site.Cartn_z 
_atom_site.occupancy 
_atom_site.B_iso_or_equiv 
_atom_site.pdbx_formal_charge 
_atom_site.auth_seq_id 
_atom_site.auth_comp_id 
_atom_site.auth_asym_id 
_atom_site.auth_atom_id 
_atom_site.pdbx_PDB_model_num 
ATOM   1   O "O5'" . DC  A 1 1 ? -5.680  3.634  -11.958 1.00 11.09 ? 1  DC  A "O5'" 1 
ATOM   2   C "C5'" . DC  A 1 1 ? -5.977  2.942  -10.696 1.00 20.08 ? 1  DC  A "C5'" 1 
ATOM   3   C "C4'" . DC  A 1 1 ? -4.662  2.592  -10.057 1.00 7.23  ? 1  DC  A "C4'" 1 
ATOM   4   O "O4'" . DC  A 1 1 ? -4.730  2.567  -8.627  1.00 10.70 ? 1  DC  A "O4'" 1 
ATOM   5   C "C3'" . DC  A 1 1 ? -4.132  1.182  -10.300 1.00 9.17  ? 1  DC  A "C3'" 1 
ATOM   6   O "O3'" . DC  A 1 1 ? -2.781  1.116  -9.888  1.00 13.18 ? 1  DC  A "O3'" 1 
ATOM   7   C "C2'" . DC  A 1 1 ? -5.143  0.412  -9.453  1.00 8.62  ? 1  DC  A "C2'" 1 
ATOM   8   C "C1'" . DC  A 1 1 ? -5.046  1.229  -8.172  1.00 7.07  ? 1  DC  A "C1'" 1 
ATOM   9   N N1    . DC  A 1 1 ? -6.262  1.266  -7.353  1.00 8.61  ? 1  DC  A N1    1 
ATOM   10  C C2    . DC  A 1 1 ? -6.815  0.106  -6.835  1.00 2.56  ? 1  DC  A C2    1 
ATOM   11  O O2    . DC  A 1 1 ? -6.352  -1.015 -7.028  1.00 3.85  ? 1  DC  A O2    1 
ATOM   12  N N3    . DC  A 1 1 ? -7.944  0.233  -6.073  1.00 12.33 ? 1  DC  A N3    1 
ATOM   13  C C4    . DC  A 1 1 ? -8.513  1.440  -5.805  1.00 10.13 ? 1  DC  A C4    1 
ATOM   14  N N4    . DC  A 1 1 ? -9.618  1.492  -5.049  1.00 9.57  ? 1  DC  A N4    1 
ATOM   15  C C5    . DC  A 1 1 ? -7.935  2.622  -6.340  1.00 6.57  ? 1  DC  A C5    1 
ATOM   16  C C6    . DC  A 1 1 ? -6.836  2.488  -7.078  1.00 6.86  ? 1  DC  A C6    1 
ATOM   17  P P     . DG  A 1 2 ? -1.594  0.178  -10.386 1.00 7.43  ? 2  DG  A P     1 
ATOM   18  O OP1   . DG  A 1 2 ? -0.846  0.585  -11.580 1.00 14.90 ? 2  DG  A OP1   1 
ATOM   19  O OP2   . DG  A 1 2 ? -2.325  -1.088 -10.279 1.00 7.95  ? 2  DG  A OP2   1 
ATOM   20  O "O5'" . DG  A 1 2 ? -0.422  0.444  -9.213  1.00 6.48  ? 2  DG  A "O5'" 1 
ATOM   21  C "C5'" . DG  A 1 2 ? 0.912   0.796  -9.654  1.00 5.74  ? 2  DG  A "C5'" 1 
ATOM   22  C "C4'" . DG  A 1 2 ? 1.315   2.116  -9.038  1.00 5.01  ? 2  DG  A "C4'" 1 
ATOM   23  O "O4'" . DG  A 1 2 ? 0.181   2.969  -8.951  1.00 4.03  ? 2  DG  A "O4'" 1 
ATOM   24  C "C3'" . DG  A 1 2 ? 1.837   2.026  -7.614  1.00 5.58  ? 2  DG  A "C3'" 1 
ATOM   25  O "O3'" . DG  A 1 2 ? 3.254   1.817  -7.593  1.00 16.40 ? 2  DG  A "O3'" 1 
ATOM   26  C "C2'" . DG  A 1 2 ? 1.415   3.338  -6.989  1.00 2.58  ? 2  DG  A "C2'" 1 
ATOM   27  C "C1'" . DG  A 1 2 ? 0.513   3.987  -8.015  1.00 5.74  ? 2  DG  A "C1'" 1 
ATOM   28  N N9    . DG  A 1 2 ? -0.674  4.521  -7.337  1.00 9.60  ? 2  DG  A N9    1 
ATOM   29  C C8    . DG  A 1 2 ? -1.117  5.811  -7.259  1.00 13.35 ? 2  DG  A C8    1 
ATOM   30  N N7    . DG  A 1 2 ? -2.215  5.956  -6.564  1.00 16.82 ? 2  DG  A N7    1 
ATOM   31  C C5    . DG  A 1 2 ? -2.506  4.658  -6.145  1.00 19.31 ? 2  DG  A C5    1 
ATOM   32  C C6    . DG  A 1 2 ? -3.566  4.138  -5.351  1.00 15.62 ? 2  DG  A C6    1 
ATOM   33  O O6    . DG  A 1 2 ? -4.488  4.784  -4.862  1.00 15.32 ? 2  DG  A O6    1 
ATOM   34  N N1    . DG  A 1 2 ? -3.516  2.783  -5.153  1.00 15.77 ? 2  DG  A N1    1 
ATOM   35  C C2    . DG  A 1 2 ? -2.524  2.001  -5.668  1.00 20.42 ? 2  DG  A C2    1 
ATOM   36  N N2    . DG  A 1 2 ? -2.602  0.694  -5.383  1.00 28.09 ? 2  DG  A N2    1 
ATOM   37  N N3    . DG  A 1 2 ? -1.507  2.434  -6.418  1.00 18.11 ? 2  DG  A N3    1 
ATOM   38  C C4    . DG  A 1 2 ? -1.564  3.767  -6.614  1.00 20.09 ? 2  DG  A C4    1 
ATOM   39  P P     . DC  A 1 3 ? 4.434   1.658  -6.675  1.00 35.39 ? 3  DC  A P     1 
ATOM   40  O OP1   . DC  A 1 3 ? 4.803   2.768  -5.645  1.00 29.72 ? 3  DC  A OP1   1 
ATOM   41  O OP2   . DC  A 1 3 ? 5.693   1.518  -7.542  1.00 32.46 ? 3  DC  A OP2   1 
ATOM   42  O "O5'" . DC  A 1 3 ? 4.156   0.279  -5.794  1.00 28.56 ? 3  DC  A "O5'" 1 
ATOM   43  C "C5'" . DC  A 1 3 ? 3.715   0.687  -4.487  1.00 33.62 ? 3  DC  A "C5'" 1 
ATOM   44  C "C4'" . DC  A 1 3 ? 3.052   -0.454 -3.763  1.00 32.16 ? 3  DC  A "C4'" 1 
ATOM   45  O "O4'" . DC  A 1 3 ? 2.276   0.065  -2.689  1.00 26.91 ? 3  DC  A "O4'" 1 
ATOM   46  C "C3'" . DC  A 1 3 ? 2.057   -1.289 -4.569  1.00 27.40 ? 3  DC  A "C3'" 1 
ATOM   47  O "O3'" . DC  A 1 3 ? 1.900   -2.608 -4.065  1.00 21.38 ? 3  DC  A "O3'" 1 
ATOM   48  C "C2'" . DC  A 1 3 ? 0.783   -0.436 -4.455  1.00 21.61 ? 3  DC  A "C2'" 1 
ATOM   49  C "C1'" . DC  A 1 3 ? 0.889   0.032  -3.018  1.00 21.86 ? 3  DC  A "C1'" 1 
ATOM   50  N N1    . DC  A 1 3 ? 0.297   1.363  -2.853  1.00 14.51 ? 3  DC  A N1    1 
ATOM   51  C C2    . DC  A 1 3 ? -0.682  1.427  -1.892  1.00 21.80 ? 3  DC  A C2    1 
ATOM   52  O O2    . DC  A 1 3 ? -1.028  0.431  -1.246  1.00 29.41 ? 3  DC  A O2    1 
ATOM   53  N N3    . DC  A 1 3 ? -1.299  2.635  -1.670  1.00 21.67 ? 3  DC  A N3    1 
ATOM   54  C C4    . DC  A 1 3 ? -0.953  3.741  -2.353  1.00 24.84 ? 3  DC  A C4    1 
ATOM   55  N N4    . DC  A 1 3 ? -1.524  4.935  -2.167  1.00 17.50 ? 3  DC  A N4    1 
ATOM   56  C C5    . DC  A 1 3 ? 0.085   3.664  -3.349  1.00 26.31 ? 3  DC  A C5    1 
ATOM   57  C C6    . DC  A 1 3 ? 0.661   2.470  -3.550  1.00 20.16 ? 3  DC  A C6    1 
ATOM   58  P P     . DA  A 1 4 ? 2.140   -4.054 -4.686  1.00 13.46 ? 4  DA  A P     1 
ATOM   59  O OP1   . DA  A 1 4 ? 2.172   -4.153 -6.121  1.00 22.95 ? 4  DA  A OP1   1 
ATOM   60  O OP2   . DA  A 1 4 ? 1.366   -4.750 -3.640  1.00 3.77  ? 4  DA  A OP2   1 
ATOM   61  O "O5'" . DA  A 1 4 ? 3.755   -4.150 -4.288  1.00 9.16  ? 4  DA  A "O5'" 1 
ATOM   62  C "C5'" . DA  A 1 4 ? 3.793   -4.116 -2.810  1.00 3.00  ? 4  DA  A "C5'" 1 
ATOM   63  C "C4'" . DA  A 1 4 ? 5.067   -4.919 -2.487  1.00 16.70 ? 4  DA  A "C4'" 1 
ATOM   64  O "O4'" . DA  A 1 4 ? 6.114   -4.330 -3.186  1.00 10.44 ? 4  DA  A "O4'" 1 
ATOM   65  C "C3'" . DA  A 1 4 ? 5.445   -4.961 -1.013  1.00 25.21 ? 4  DA  A "C3'" 1 
ATOM   66  O "O3'" . DA  A 1 4 ? 5.498   -6.312 -0.485  1.00 31.92 ? 4  DA  A "O3'" 1 
ATOM   67  C "C2'" . DA  A 1 4 ? 6.775   -4.219 -0.951  1.00 17.06 ? 4  DA  A "C2'" 1 
ATOM   68  C "C1'" . DA  A 1 4 ? 7.059   -3.696 -2.324  1.00 11.42 ? 4  DA  A "C1'" 1 
ATOM   69  N N9    . DA  A 1 4 ? 6.868   -2.248 -2.492  1.00 8.56  ? 4  DA  A N9    1 
ATOM   70  C C8    . DA  A 1 4 ? 7.597   -1.383 -3.257  1.00 7.95  ? 4  DA  A C8    1 
ATOM   71  N N7    . DA  A 1 4 ? 7.150   -0.149 -3.217  1.00 14.76 ? 4  DA  A N7    1 
ATOM   72  C C5    . DA  A 1 4 ? 6.039   -0.213 -2.386  1.00 18.01 ? 4  DA  A C5    1 
ATOM   73  C C6    . DA  A 1 4 ? 5.125   0.765  -1.933  1.00 22.36 ? 4  DA  A C6    1 
ATOM   74  N N6    . DA  A 1 4 ? 5.151   2.056  -2.265  1.00 25.97 ? 4  DA  A N6    1 
ATOM   75  N N1    . DA  A 1 4 ? 4.141   0.323  -1.084  1.00 20.55 ? 4  DA  A N1    1 
ATOM   76  C C2    . DA  A 1 4 ? 4.045   -0.987 -0.726  1.00 20.50 ? 4  DA  A C2    1 
ATOM   77  N N3    . DA  A 1 4 ? 4.873   -1.956 -1.122  1.00 28.91 ? 4  DA  A N3    1 
ATOM   78  C C4    . DA  A 1 4 ? 5.850   -1.506 -1.940  1.00 19.22 ? 4  DA  A C4    1 
ATOM   79  P P     . DC  A 1 5 ? 4.632   -7.571 0.163   1.00 33.71 ? 5  DC  A P     1 
ATOM   80  O OP1   . DC  A 1 5 ? 5.484   -8.838 -0.095  1.00 27.27 ? 5  DC  A OP1   1 
ATOM   81  O OP2   . DC  A 1 5 ? 3.349   -7.780 -0.584  1.00 20.67 ? 5  DC  A OP2   1 
ATOM   82  O "O5'" . DC  A 1 5 ? 4.347   -7.163 1.709   1.00 18.48 ? 5  DC  A "O5'" 1 
ATOM   83  C "C5'" . DC  A 1 5 ? 5.089   -6.022 2.204   1.00 13.29 ? 5  DC  A "C5'" 1 
ATOM   84  C "C4'" . DC  A 1 5 ? 4.530   -5.667 3.563   1.00 19.61 ? 5  DC  A "C4'" 1 
ATOM   85  O "O4'" . DC  A 1 5 ? 5.126   -4.467 4.039   1.00 27.07 ? 5  DC  A "O4'" 1 
ATOM   86  C "C3'" . DC  A 1 5 ? 3.020   -5.406 3.587   1.00 21.51 ? 5  DC  A "C3'" 1 
ATOM   87  O "O3'" . DC  A 1 5 ? 2.367   -5.677 4.821   1.00 17.05 ? 5  DC  A "O3'" 1 
ATOM   88  C "C2'" . DC  A 1 5 ? 2.982   -3.917 3.217   1.00 26.12 ? 5  DC  A "C2'" 1 
ATOM   89  C "C1'" . DC  A 1 5 ? 4.208   -3.362 3.920   1.00 27.89 ? 5  DC  A "C1'" 1 
ATOM   90  N N1    . DC  A 1 5 ? 4.775   -2.234 3.156   1.00 18.99 ? 5  DC  A N1    1 
ATOM   91  C C2    . DC  A 1 5 ? 4.176   -0.996 3.232   1.00 17.16 ? 5  DC  A C2    1 
ATOM   92  O O2    . DC  A 1 5 ? 3.184   -0.754 3.916   1.00 27.90 ? 5  DC  A O2    1 
ATOM   93  N N3    . DC  A 1 5 ? 4.715   0.028  2.505   1.00 18.30 ? 5  DC  A N3    1 
ATOM   94  C C4    . DC  A 1 5 ? 5.812   -0.159 1.731   1.00 17.55 ? 5  DC  A C4    1 
ATOM   95  N N4    . DC  A 1 5 ? 6.321   0.856  1.037   1.00 26.54 ? 5  DC  A N4    1 
ATOM   96  C C5    . DC  A 1 5 ? 6.432   -1.434 1.649   1.00 18.99 ? 5  DC  A C5    1 
ATOM   97  C C6    . DC  A 1 5 ? 5.880   -2.418 2.371   1.00 22.87 ? 5  DC  A C6    1 
ATOM   98  P P     . DG  A 1 6 ? 1.937   -5.625 6.294   1.00 32.39 ? 6  DG  A P     1 
ATOM   99  O OP1   . DG  A 1 6 ? 1.020   -6.714 6.844   1.00 33.22 ? 6  DG  A OP1   1 
ATOM   100 O OP2   . DG  A 1 6 ? 1.753   -4.365 7.067   1.00 28.12 ? 6  DG  A OP2   1 
ATOM   101 O "O5'" . DG  A 1 6 ? 3.433   -6.129 6.848   1.00 20.14 ? 6  DG  A "O5'" 1 
ATOM   102 C "C5'" . DG  A 1 6 ? 3.613   -7.577 6.665   1.00 10.04 ? 6  DG  A "C5'" 1 
ATOM   103 C "C4'" . DG  A 1 6 ? 5.108   -7.701 6.738   1.00 2.93  ? 6  DG  A "C4'" 1 
ATOM   104 O "O4'" . DG  A 1 6 ? 5.710   -6.947 5.687   1.00 12.51 ? 6  DG  A "O4'" 1 
ATOM   105 C "C3'" . DG  A 1 6 ? 5.763   -7.051 7.950   1.00 3.94  ? 6  DG  A "C3'" 1 
ATOM   106 O "O3'" . DG  A 1 6 ? 5.476   -7.758 9.142   1.00 4.77  ? 6  DG  A "O3'" 1 
ATOM   107 C "C2'" . DG  A 1 6 ? 7.221   -7.056 7.498   1.00 10.39 ? 6  DG  A "C2'" 1 
ATOM   108 C "C1'" . DG  A 1 6 ? 7.124   -6.994 5.975   1.00 11.57 ? 6  DG  A "C1'" 1 
ATOM   109 N N9    . DG  A 1 6 ? 7.891   -5.854 5.463   1.00 23.59 ? 6  DG  A N9    1 
ATOM   110 C C8    . DG  A 1 6 ? 9.066   -5.956 4.733   1.00 22.63 ? 6  DG  A C8    1 
ATOM   111 N N7    . DG  A 1 6 ? 9.596   -4.810 4.399   1.00 15.81 ? 6  DG  A N7    1 
ATOM   112 C C5    . DG  A 1 6 ? 8.707   -3.880 4.941   1.00 20.36 ? 6  DG  A C5    1 
ATOM   113 C C6    . DG  A 1 6 ? 8.741   -2.461 4.918   1.00 23.94 ? 6  DG  A C6    1 
ATOM   114 O O6    . DG  A 1 6 ? 9.610   -1.767 4.378   1.00 17.83 ? 6  DG  A O6    1 
ATOM   115 N N1    . DG  A 1 6 ? 7.689   -1.853 5.561   1.00 31.82 ? 6  DG  A N1    1 
ATOM   116 C C2    . DG  A 1 6 ? 6.710   -2.585 6.176   1.00 26.32 ? 6  DG  A C2    1 
ATOM   117 N N2    . DG  A 1 6 ? 5.749   -1.856 6.773   1.00 21.59 ? 6  DG  A N2    1 
ATOM   118 N N3    . DG  A 1 6 ? 6.638   -3.915 6.225   1.00 25.05 ? 6  DG  A N3    1 
ATOM   119 C C4    . DG  A 1 6 ? 7.666   -4.504 5.591   1.00 21.45 ? 6  DG  A C4    1 
ATOM   120 O "O5'" . DC  B 2 1 ? 6.504   7.948  5.716   1.00 39.55 ? 7  DC  B "O5'" 1 
ATOM   121 C "C5'" . DC  B 2 1 ? 6.681   6.665  6.367   1.00 35.41 ? 7  DC  B "C5'" 1 
ATOM   122 C "C4'" . DC  B 2 1 ? 5.327   6.144  6.767   1.00 32.38 ? 7  DC  B "C4'" 1 
ATOM   123 O "O4'" . DC  B 2 1 ? 4.937   5.049  5.944   1.00 34.89 ? 7  DC  B "O4'" 1 
ATOM   124 C "C3'" . DC  B 2 1 ? 5.253   5.548  8.177   1.00 33.69 ? 7  DC  B "C3'" 1 
ATOM   125 O "O3'" . DC  B 2 1 ? 3.930   5.454  8.681   1.00 39.01 ? 7  DC  B "O3'" 1 
ATOM   126 C "C2'" . DC  B 2 1 ? 5.920   4.196  7.928   1.00 25.23 ? 7  DC  B "C2'" 1 
ATOM   127 C "C1'" . DC  B 2 1 ? 5.334   3.817  6.569   1.00 30.28 ? 7  DC  B "C1'" 1 
ATOM   128 N N1    . DC  B 2 1 ? 6.349   3.083  5.795   1.00 21.71 ? 7  DC  B N1    1 
ATOM   129 C C2    . DC  B 2 1 ? 6.342   1.701  5.837   1.00 17.37 ? 7  DC  B C2    1 
ATOM   130 O O2    . DC  B 2 1 ? 5.511   1.061  6.484   1.00 14.51 ? 7  DC  B O2    1 
ATOM   131 N N3    . DC  B 2 1 ? 7.302   1.050  5.123   1.00 23.41 ? 7  DC  B N3    1 
ATOM   132 C C4    . DC  B 2 1 ? 8.240   1.721  4.403   1.00 31.14 ? 7  DC  B C4    1 
ATOM   133 N N4    . DC  B 2 1 ? 9.152   1.029  3.719   1.00 37.83 ? 7  DC  B N4    1 
ATOM   134 C C5    . DC  B 2 1 ? 8.247   3.142  4.367   1.00 23.03 ? 7  DC  B C5    1 
ATOM   135 C C6    . DC  B 2 1 ? 7.295   3.755  5.075   1.00 20.87 ? 7  DC  B C6    1 
ATOM   136 P P     . DG  B 2 2 ? 2.854   4.343  9.123   1.00 29.88 ? 8  DG  B P     1 
ATOM   137 O OP1   . DG  B 2 2 ? 2.680   4.447  10.608  1.00 32.79 ? 8  DG  B OP1   1 
ATOM   138 O OP2   . DG  B 2 2 ? 3.094   3.048  8.462   1.00 31.91 ? 8  DG  B OP2   1 
ATOM   139 O "O5'" . DG  B 2 2 ? 1.475   5.011  8.481   1.00 23.64 ? 8  DG  B "O5'" 1 
ATOM   140 C "C5'" . DG  B 2 2 ? 1.504   5.127  7.038   1.00 24.82 ? 8  DG  B "C5'" 1 
ATOM   141 C "C4'" . DG  B 2 2 ? 0.922   6.489  6.673   1.00 23.33 ? 8  DG  B "C4'" 1 
ATOM   142 O "O4'" . DG  B 2 2 ? 1.925   7.259  6.078   1.00 26.29 ? 8  DG  B "O4'" 1 
ATOM   143 C "C3'" . DG  B 2 2 ? -0.222  6.388  5.675   1.00 14.89 ? 8  DG  B "C3'" 1 
ATOM   144 O "O3'" . DG  B 2 2 ? -1.333  7.250  5.979   1.00 9.54  ? 8  DG  B "O3'" 1 
ATOM   145 C "C2'" . DG  B 2 2 ? 0.430   6.705  4.345   1.00 12.36 ? 8  DG  B "C2'" 1 
ATOM   146 C "C1'" . DG  B 2 2 ? 1.779   7.266  4.641   1.00 16.86 ? 8  DG  B "C1'" 1 
ATOM   147 N N9    . DG  B 2 2 ? 2.877   6.506  4.013   1.00 18.13 ? 8  DG  B N9    1 
ATOM   148 C C8    . DG  B 2 2 ? 3.896   7.103  3.291   1.00 13.08 ? 8  DG  B C8    1 
ATOM   149 N N7    . DG  B 2 2 ? 4.767   6.257  2.825   1.00 18.11 ? 8  DG  B N7    1 
ATOM   150 C C5    . DG  B 2 2 ? 4.304   5.018  3.261   1.00 22.01 ? 8  DG  B C5    1 
ATOM   151 C C6    . DG  B 2 2 ? 4.832   3.715  3.075   1.00 17.39 ? 8  DG  B C6    1 
ATOM   152 O O6    . DG  B 2 2 ? 5.853   3.408  2.454   1.00 20.14 ? 8  DG  B O6    1 
ATOM   153 N N1    . DG  B 2 2 ? 4.111   2.702  3.648   1.00 18.29 ? 8  DG  B N1    1 
ATOM   154 C C2    . DG  B 2 2 ? 2.971   2.963  4.352   1.00 20.56 ? 8  DG  B C2    1 
ATOM   155 N N2    . DG  B 2 2 ? 2.381   1.865  4.855   1.00 19.77 ? 8  DG  B N2    1 
ATOM   156 N N3    . DG  B 2 2 ? 2.432   4.166  4.560   1.00 24.65 ? 8  DG  B N3    1 
ATOM   157 C C4    . DG  B 2 2 ? 3.142   5.163  3.998   1.00 24.45 ? 8  DG  B C4    1 
ATOM   158 P P     . DT  B 2 3 ? -2.817  6.485  5.831   1.00 41.20 ? 9  DT  B P     1 
ATOM   159 O OP1   . DT  B 2 3 ? -3.657  7.308  4.888   1.00 29.40 ? 9  DT  B OP1   1 
ATOM   160 O OP2   . DT  B 2 3 ? -3.206  6.407  7.287   1.00 44.00 ? 9  DT  B OP2   1 
ATOM   161 O "O5'" . DT  B 2 3 ? -2.737  4.921  5.354   1.00 52.32 ? 9  DT  B "O5'" 1 
ATOM   162 C "C5'" . DT  B 2 3 ? -2.234  4.593  4.042   1.00 50.24 ? 9  DT  B "C5'" 1 
ATOM   163 C "C4'" . DT  B 2 3 ? -2.443  3.141  3.714   1.00 37.10 ? 9  DT  B "C4'" 1 
ATOM   164 O "O4'" . DT  B 2 3 ? -1.980  2.894  2.373   1.00 30.77 ? 9  DT  B "O4'" 1 
ATOM   165 C "C3'" . DT  B 2 3 ? -1.686  2.100  4.534   1.00 28.29 ? 9  DT  B "C3'" 1 
ATOM   166 O "O3'" . DT  B 2 3 ? -2.295  0.827  4.537   1.00 23.29 ? 9  DT  B "O3'" 1 
ATOM   167 C "C2'" . DT  B 2 3 ? -0.315  2.087  3.828   1.00 23.89 ? 9  DT  B "C2'" 1 
ATOM   168 C "C1'" . DT  B 2 3 ? -0.782  2.084  2.387   1.00 15.09 ? 9  DT  B "C1'" 1 
ATOM   169 N N1    . DT  B 2 3 ? 0.233   2.606  1.466   1.00 14.03 ? 9  DT  B N1    1 
ATOM   170 C C2    . DT  B 2 3 ? 1.219   1.722  1.055   1.00 17.58 ? 9  DT  B C2    1 
ATOM   171 O O2    . DT  B 2 3 ? 1.246   0.567  1.472   1.00 22.24 ? 9  DT  B O2    1 
ATOM   172 N N3    . DT  B 2 3 ? 2.172   2.160  0.176   1.00 24.68 ? 9  DT  B N3    1 
ATOM   173 C C4    . DT  B 2 3 ? 2.179   3.438  -0.305  1.00 22.69 ? 9  DT  B C4    1 
ATOM   174 O O4    . DT  B 2 3 ? 3.090   3.774  -1.107  1.00 15.81 ? 9  DT  B O4    1 
ATOM   175 C C5    . DT  B 2 3 ? 1.147   4.334  0.127   1.00 24.03 ? 9  DT  B C5    1 
ATOM   176 C C7    . DT  B 2 3 ? 1.128   5.757  -0.375  1.00 23.85 ? 9  DT  B C7    1 
ATOM   177 C C6    . DT  B 2 3 ? 0.219   3.886  0.985   1.00 16.56 ? 9  DT  B C6    1 
ATOM   178 P P     . DG  B 2 4 ? -3.010  -0.349 5.251   1.00 18.71 ? 10 DG  B P     1 
ATOM   179 O OP1   . DG  B 2 4 ? -2.551  -0.387 6.676   1.00 18.83 ? 10 DG  B OP1   1 
ATOM   180 O OP2   . DG  B 2 4 ? -2.519  -1.477 4.394   1.00 20.91 ? 10 DG  B OP2   1 
ATOM   181 O "O5'" . DG  B 2 4 ? -4.577  -0.157 5.131   1.00 6.89  ? 10 DG  B "O5'" 1 
ATOM   182 C "C5'" . DG  B 2 4 ? -5.314  -0.935 4.143   1.00 16.72 ? 10 DG  B "C5'" 1 
ATOM   183 C "C4'" . DG  B 2 4 ? -6.721  -0.338 4.076   1.00 19.97 ? 10 DG  B "C4'" 1 
ATOM   184 O "O4'" . DG  B 2 4 ? -6.556  1.049  3.955   1.00 13.83 ? 10 DG  B "O4'" 1 
ATOM   185 C "C3'" . DG  B 2 4 ? -7.579  -0.781 2.904   1.00 21.32 ? 10 DG  B "C3'" 1 
ATOM   186 O "O3'" . DG  B 2 4 ? -8.591  -1.730 3.302   1.00 26.72 ? 10 DG  B "O3'" 1 
ATOM   187 C "C2'" . DG  B 2 4 ? -8.185  0.492  2.326   1.00 6.71  ? 10 DG  B "C2'" 1 
ATOM   188 C "C1'" . DG  B 2 4 ? -7.563  1.599  3.084   1.00 5.78  ? 10 DG  B "C1'" 1 
ATOM   189 N N9    . DG  B 2 4 ? -6.762  2.530  2.277   1.00 3.88  ? 10 DG  B N9    1 
ATOM   190 C C8    . DG  B 2 4 ? -6.930  3.863  2.084   1.00 9.74  ? 10 DG  B C8    1 
ATOM   191 N N7    . DG  B 2 4 ? -5.992  4.400  1.328   1.00 6.06  ? 10 DG  B N7    1 
ATOM   192 C C5    . DG  B 2 4 ? -5.146  3.339  1.051   1.00 6.99  ? 10 DG  B C5    1 
ATOM   193 C C6    . DG  B 2 4 ? -3.952  3.284  0.283   1.00 13.40 ? 10 DG  B C6    1 
ATOM   194 O O6    . DG  B 2 4 ? -3.385  4.199  -0.312  1.00 8.09  ? 10 DG  B O6    1 
ATOM   195 N N1    . DG  B 2 4 ? -3.397  2.041  0.234   1.00 12.64 ? 10 DG  B N1    1 
ATOM   196 C C2    . DG  B 2 4 ? -3.927  0.951  0.853   1.00 10.40 ? 10 DG  B C2    1 
ATOM   197 N N2    . DG  B 2 4 ? -3.231  -0.173 0.677   1.00 4.34  ? 10 DG  B N2    1 
ATOM   198 N N3    . DG  B 2 4 ? -5.041  0.956  1.584   1.00 10.17 ? 10 DG  B N3    1 
ATOM   199 C C4    . DG  B 2 4 ? -5.599  2.181  1.639   1.00 2.13  ? 10 DG  B C4    1 
ATOM   200 P P     . DC  B 2 5 ? -9.186  -2.803 2.279   1.00 42.30 ? 11 DC  B P     1 
ATOM   201 O OP1   . DC  B 2 5 ? -10.676 -2.943 2.287   1.00 26.65 ? 11 DC  B OP1   1 
ATOM   202 O OP2   . DC  B 2 5 ? -8.438  -4.076 2.535   1.00 29.41 ? 11 DC  B OP2   1 
ATOM   203 O "O5'" . DC  B 2 5 ? -8.833  -2.314 0.679   1.00 31.80 ? 11 DC  B "O5'" 1 
ATOM   204 C "C5'" . DC  B 2 5 ? -8.642  -3.547 -0.039  1.00 31.86 ? 11 DC  B "C5'" 1 
ATOM   205 C "C4'" . DC  B 2 5 ? -7.830  -3.374 -1.302  1.00 28.75 ? 11 DC  B "C4'" 1 
ATOM   206 O "O4'" . DC  B 2 5 ? -7.981  -2.089 -1.864  1.00 17.33 ? 11 DC  B "O4'" 1 
ATOM   207 C "C3'" . DC  B 2 5 ? -6.316  -3.580 -1.086  1.00 27.28 ? 11 DC  B "C3'" 1 
ATOM   208 O "O3'" . DC  B 2 5 ? -5.774  -4.601 -1.932  1.00 27.46 ? 11 DC  B "O3'" 1 
ATOM   209 C "C2'" . DC  B 2 5 ? -5.718  -2.209 -1.367  1.00 18.07 ? 11 DC  B "C2'" 1 
ATOM   210 C "C1'" . DC  B 2 5 ? -6.701  -1.690 -2.391  1.00 19.79 ? 11 DC  B "C1'" 1 
ATOM   211 N N1    . DC  B 2 5 ? -6.630  -0.243 -2.542  1.00 29.16 ? 11 DC  B N1    1 
ATOM   212 C C2    . DC  B 2 5 ? -5.617  0.263  -3.337  1.00 33.79 ? 11 DC  B C2    1 
ATOM   213 O O2    . DC  B 2 5 ? -4.810  -0.492 -3.881  1.00 31.28 ? 11 DC  B O2    1 
ATOM   214 N N3    . DC  B 2 5 ? -5.554  1.622  -3.475  1.00 36.48 ? 11 DC  B N3    1 
ATOM   215 C C4    . DC  B 2 5 ? -6.447  2.448  -2.867  1.00 36.38 ? 11 DC  B C4    1 
ATOM   216 N N4    . DC  B 2 5 ? -6.338  3.769  -3.039  1.00 40.87 ? 11 DC  B N4    1 
ATOM   217 C C5    . DC  B 2 5 ? -7.484  1.916  -2.046  1.00 26.47 ? 11 DC  B C5    1 
ATOM   218 C C6    . DC  B 2 5 ? -7.531  0.585  -1.928  1.00 32.25 ? 11 DC  B C6    1 
ATOM   219 P P     . DG  B 2 6 ? -5.117  -6.005 -1.210  1.00 21.09 ? 12 DG  B P     1 
ATOM   220 O OP1   . DG  B 2 6 ? -5.028  -5.840 0.228   1.00 5.78  ? 12 DG  B OP1   1 
ATOM   221 O OP2   . DG  B 2 6 ? -3.816  -5.826 -2.004  1.00 17.10 ? 12 DG  B OP2   1 
ATOM   222 O "O5'" . DG  B 2 6 ? -6.189  -7.008 -1.717  1.00 2.00  ? 12 DG  B "O5'" 1 
ATOM   223 C "C5'" . DG  B 2 6 ? -6.876  -6.853 -2.976  1.00 3.25  ? 12 DG  B "C5'" 1 
ATOM   224 C "C4'" . DG  B 2 6 ? -8.107  -7.756 -2.890  1.00 3.76  ? 12 DG  B "C4'" 1 
ATOM   225 O "O4'" . DG  B 2 6 ? -9.097  -7.062 -2.181  1.00 2.56  ? 12 DG  B "O4'" 1 
ATOM   226 C "C3'" . DG  B 2 6 ? -8.671  -8.151 -4.240  1.00 3.04  ? 12 DG  B "C3'" 1 
ATOM   227 O "O3'" . DG  B 2 6 ? -8.829  -9.577 -4.370  1.00 12.47 ? 12 DG  B "O3'" 1 
ATOM   228 C "C2'" . DG  B 2 6 ? -9.991  -7.415 -4.358  1.00 3.07  ? 12 DG  B "C2'" 1 
ATOM   229 C "C1'" . DG  B 2 6 ? -10.260 -6.836 -3.009  1.00 4.92  ? 12 DG  B "C1'" 1 
ATOM   230 N N9    . DG  B 2 6 ? -10.548 -5.388 -3.057  1.00 6.86  ? 12 DG  B N9    1 
ATOM   231 C C8    . DG  B 2 6 ? -11.700 -4.819 -2.564  1.00 8.66  ? 12 DG  B C8    1 
ATOM   232 N N7    . DG  B 2 6 ? -11.736 -3.520 -2.685  1.00 22.04 ? 12 DG  B N7    1 
ATOM   233 C C5    . DG  B 2 6 ? -10.522 -3.200 -3.291  1.00 23.52 ? 12 DG  B C5    1 
ATOM   234 C C6    . DG  B 2 6 ? -9.981  -1.945 -3.674  1.00 23.89 ? 12 DG  B C6    1 
ATOM   235 O O6    . DG  B 2 6 ? -10.532 -0.844 -3.539  1.00 20.99 ? 12 DG  B O6    1 
ATOM   236 N N1    . DG  B 2 6 ? -8.734  -2.000 -4.261  1.00 23.91 ? 12 DG  B N1    1 
ATOM   237 C C2    . DG  B 2 6 ? -8.098  -3.202 -4.424  1.00 27.03 ? 12 DG  B C2    1 
ATOM   238 N N2    . DG  B 2 6 ? -6.885  -3.114 -4.996  1.00 27.08 ? 12 DG  B N2    1 
ATOM   239 N N3    . DG  B 2 6 ? -8.559  -4.404 -4.075  1.00 30.48 ? 12 DG  B N3    1 
ATOM   240 C C4    . DG  B 2 6 ? -9.785  -4.346 -3.514  1.00 20.72 ? 12 DG  B C4    1 
HETATM 241 O O     . HOH C 3 . ? 11.849  -2.946 2.880   1.00 2.01  ? 13 HOH A O     1 
HETATM 242 O O     . HOH C 3 . ? 3.581   0.982  -10.086 1.00 17.91 ? 16 HOH A O     1 
HETATM 243 O O     . HOH C 3 . ? 1.250   -3.924 -9.638  1.00 3.70  ? 18 HOH A O     1 
HETATM 244 O O     . HOH C 3 . ? 0.481   -9.239 -1.545  1.00 14.03 ? 19 HOH A O     1 
HETATM 245 O O     . HOH C 3 . ? 1.428   -6.523 0.777   1.00 2.80  ? 20 HOH A O     1 
HETATM 246 O O     . HOH C 3 . ? 7.957   2.321  -8.582  1.00 4.16  ? 21 HOH A O     1 
HETATM 247 O O     . HOH C 3 . ? 7.690   6.435  -4.409  1.00 6.74  ? 23 HOH A O     1 
HETATM 248 O O     . HOH C 3 . ? -0.556  -3.401 8.236   1.00 4.28  ? 25 HOH A O     1 
HETATM 249 O O     . HOH C 3 . ? 10.016  -4.216 1.484   1.00 3.62  ? 26 HOH A O     1 
HETATM 250 O O     . HOH C 3 . ? -0.491  -2.243 10.593  1.00 4.42  ? 27 HOH A O     1 
HETATM 251 O O     . HOH C 3 . ? 4.937   5.810  -4.270  1.00 5.12  ? 29 HOH A O     1 
HETATM 252 O O     . HOH C 3 . ? -3.700  -3.232 -7.100  1.00 4.71  ? 30 HOH A O     1 
HETATM 253 O O     . HOH C 3 . ? 6.495   5.854  -2.152  1.00 2.49  ? 32 HOH A O     1 
HETATM 254 O O     . HOH C 3 . ? -4.094  6.006  -2.606  1.00 4.43  ? 33 HOH A O     1 
HETATM 255 O O     . HOH D 3 . ? 6.281   8.104  9.996   1.00 2.68  ? 14 HOH B O     1 
HETATM 256 O O     . HOH D 3 . ? 3.005   6.106  12.660  1.00 3.45  ? 15 HOH B O     1 
HETATM 257 O O     . HOH D 3 . ? -2.505  -6.010 -4.395  1.00 20.89 ? 17 HOH B O     1 
HETATM 258 O O     . HOH D 3 . ? -5.839  -4.634 2.437   1.00 13.42 ? 22 HOH B O     1 
HETATM 259 O O     . HOH D 3 . ? 7.242   7.010  0.570   1.00 3.95  ? 24 HOH B O     1 
HETATM 260 O O     . HOH D 3 . ? -0.719  2.660  7.045   1.00 11.20 ? 28 HOH B O     1 
HETATM 261 O O     . HOH D 3 . ? 2.788   -0.276 7.595   1.00 5.51  ? 31 HOH B O     1 
# 
